data_5EFT
#
_entry.id   5EFT
#
_cell.length_a   118.520
_cell.length_b   155.720
_cell.length_c   157.630
_cell.angle_alpha   90.000
_cell.angle_beta   90.000
_cell.angle_gamma   90.000
#
_symmetry.space_group_name_H-M   'C 2 2 21'
#
loop_
_entity.id
_entity.type
_entity.pdbx_description
1 polymer p9-1
2 polymer p9-1
#
loop_
_entity_poly.entity_id
_entity_poly.type
_entity_poly.pdbx_seq_one_letter_code
_entity_poly.pdbx_strand_id
1 'polypeptide(L)' ADSVIKSDFSSLKLDV A,C,E,G
2 'polypeptide(L)'
;LERRTFGSYKIEELTIRNDQPTRNTNLSLSQSTENRLSTKKIPLLDDGIFELLNYLIDGTNFNKTCYCGFNYSHLPNLER
DFNIASLYVRENFEICTDQLDLANYVRQPNISIKSPDFTVCLEYVLKTVVESESSTKDQKDDESQKPTSTDSTKNEQETK
FVEMSLLPLLNRESEESLTEEILEGEGAVVNVLKLFIKGFLMHLGENPNSYDRQLTVEKYRPLLVSIVGYEYLVGTTVPE
KKINHIYYQLATFDNYPFDLLRFQLSSLISTPTSILERITKEGLFKIITSSTLRGAPRQTVLFRGINGSESFLNIKRYRR
F
;
B,D,F,H
#
# COMPACT_ATOMS: atom_id res chain seq x y z
N ALA A 1 20.39 -20.58 -29.39
CA ALA A 1 20.00 -19.24 -28.84
C ALA A 1 20.67 -18.90 -27.51
N ASP A 2 21.65 -19.70 -27.09
CA ASP A 2 22.33 -19.50 -25.80
C ASP A 2 23.11 -18.19 -25.82
N SER A 3 23.45 -17.70 -27.02
CA SER A 3 24.20 -16.45 -27.18
C SER A 3 23.32 -15.20 -27.28
N VAL A 4 22.02 -15.38 -27.43
CA VAL A 4 21.13 -14.26 -27.66
C VAL A 4 21.08 -13.47 -26.38
N ILE A 5 21.11 -12.17 -26.48
CA ILE A 5 20.98 -11.31 -25.29
C ILE A 5 19.58 -11.34 -24.66
N LYS A 6 19.52 -11.49 -23.34
CA LYS A 6 18.27 -11.52 -22.60
C LYS A 6 17.91 -10.10 -22.20
N SER A 7 16.61 -9.84 -22.04
CA SER A 7 16.11 -8.53 -21.61
C SER A 7 15.17 -8.73 -20.46
N ASP A 8 15.25 -7.82 -19.50
CA ASP A 8 14.39 -7.81 -18.36
C ASP A 8 13.36 -6.72 -18.62
N PHE A 9 12.12 -7.17 -18.81
CA PHE A 9 11.05 -6.26 -19.10
C PHE A 9 10.20 -5.96 -17.87
N SER A 10 10.67 -6.38 -16.70
CA SER A 10 9.90 -6.23 -15.45
C SER A 10 9.60 -4.81 -15.07
N SER A 11 10.29 -3.84 -15.65
CA SER A 11 10.07 -2.43 -15.28
C SER A 11 9.40 -1.61 -16.39
N LEU A 12 8.94 -2.26 -17.44
CA LEU A 12 8.31 -1.56 -18.57
C LEU A 12 7.00 -0.90 -18.10
N LYS A 13 6.69 0.23 -18.67
CA LYS A 13 5.48 0.97 -18.29
C LYS A 13 4.28 0.34 -18.94
N LEU A 14 3.70 -0.63 -18.22
CA LEU A 14 2.60 -1.42 -18.71
C LEU A 14 1.26 -1.14 -17.98
N ASP A 15 1.18 -0.03 -17.26
CA ASP A 15 -0.01 0.36 -16.50
C ASP A 15 -0.55 -0.76 -15.63
N VAL A 16 0.34 -1.53 -15.00
CA VAL A 16 -0.06 -2.47 -13.94
C VAL A 16 0.58 -2.15 -12.56
N LEU B 1 5.94 -29.44 -16.19
CA LEU B 1 4.82 -30.40 -16.44
C LEU B 1 3.47 -29.66 -16.51
N GLU B 2 2.93 -29.30 -15.35
CA GLU B 2 1.63 -28.63 -15.25
C GLU B 2 1.81 -27.15 -14.92
N ARG B 3 2.69 -26.85 -13.98
CA ARG B 3 2.76 -25.54 -13.37
C ARG B 3 3.61 -24.57 -14.16
N ARG B 4 3.09 -23.36 -14.40
CA ARG B 4 3.89 -22.32 -15.08
C ARG B 4 3.50 -20.92 -14.65
N THR B 5 4.47 -20.03 -14.64
CA THR B 5 4.26 -18.68 -14.19
C THR B 5 3.37 -17.96 -15.18
N PHE B 6 2.42 -17.20 -14.63
CA PHE B 6 1.31 -16.53 -15.39
C PHE B 6 1.75 -15.74 -16.63
N GLY B 7 1.22 -16.11 -17.78
CA GLY B 7 1.51 -15.42 -19.02
C GLY B 7 2.58 -16.08 -19.88
N SER B 8 3.33 -16.99 -19.28
CA SER B 8 4.45 -17.60 -19.96
C SER B 8 3.92 -18.60 -20.96
N TYR B 9 4.76 -18.91 -21.94
CA TYR B 9 4.42 -19.82 -23.01
C TYR B 9 5.48 -20.88 -23.07
N LYS B 10 5.20 -21.95 -23.82
CA LYS B 10 6.20 -22.97 -24.09
C LYS B 10 6.21 -23.13 -25.58
N ILE B 11 7.38 -23.51 -26.10
CA ILE B 11 7.53 -23.81 -27.50
C ILE B 11 7.79 -25.30 -27.60
N GLU B 12 6.97 -26.00 -28.36
CA GLU B 12 7.05 -27.44 -28.51
C GLU B 12 7.46 -27.70 -29.95
N GLU B 13 7.79 -28.95 -30.29
CA GLU B 13 8.24 -29.29 -31.66
C GLU B 13 7.36 -30.30 -32.36
N LEU B 14 6.63 -29.87 -33.38
CA LEU B 14 5.91 -30.77 -34.27
C LEU B 14 6.92 -31.27 -35.28
N THR B 15 6.72 -32.47 -35.82
CA THR B 15 7.60 -32.97 -36.90
C THR B 15 6.82 -33.59 -38.05
N ILE B 16 7.18 -33.21 -39.29
CA ILE B 16 6.40 -33.54 -40.47
C ILE B 16 7.31 -33.86 -41.66
N LYS B 40 12.41 -32.91 -40.57
CA LYS B 40 11.66 -31.67 -40.80
C LYS B 40 10.82 -31.31 -39.56
N LYS B 41 11.30 -30.35 -38.77
CA LYS B 41 10.61 -29.94 -37.53
C LYS B 41 10.09 -28.48 -37.54
N ILE B 42 8.87 -28.27 -37.06
CA ILE B 42 8.33 -26.91 -36.97
C ILE B 42 7.90 -26.58 -35.54
N PRO B 43 8.10 -25.32 -35.11
CA PRO B 43 7.73 -24.98 -33.77
C PRO B 43 6.23 -24.83 -33.58
N LEU B 44 5.79 -25.08 -32.35
CA LEU B 44 4.39 -25.02 -31.94
C LEU B 44 4.23 -24.26 -30.63
N LEU B 45 3.62 -23.09 -30.73
CA LEU B 45 3.60 -22.18 -29.63
C LEU B 45 2.44 -22.59 -28.75
N ASP B 46 2.73 -22.79 -27.46
CA ASP B 46 1.73 -23.03 -26.46
C ASP B 46 1.57 -21.73 -25.66
N ASP B 47 0.58 -20.91 -26.08
CA ASP B 47 0.43 -19.58 -25.57
C ASP B 47 -0.30 -19.55 -24.23
N GLY B 48 -1.03 -20.62 -23.97
CA GLY B 48 -1.77 -20.75 -22.74
C GLY B 48 -3.02 -19.90 -22.63
N ILE B 49 -3.48 -19.32 -23.73
CA ILE B 49 -4.64 -18.46 -23.69
C ILE B 49 -5.91 -19.25 -23.46
N PHE B 50 -6.05 -20.37 -24.14
CA PHE B 50 -7.16 -21.26 -23.86
C PHE B 50 -7.32 -21.52 -22.38
N GLU B 51 -6.25 -21.95 -21.75
CA GLU B 51 -6.29 -22.33 -20.34
C GLU B 51 -6.70 -21.17 -19.45
N LEU B 52 -6.16 -20.00 -19.70
CA LEU B 52 -6.60 -18.81 -18.97
C LEU B 52 -8.11 -18.63 -19.05
N LEU B 53 -8.65 -18.66 -20.27
CA LEU B 53 -10.08 -18.42 -20.50
C LEU B 53 -10.94 -19.46 -19.84
N ASN B 54 -10.57 -20.72 -20.03
CA ASN B 54 -11.22 -21.84 -19.37
C ASN B 54 -11.36 -21.69 -17.86
N TYR B 55 -10.27 -21.32 -17.18
CA TYR B 55 -10.32 -21.10 -15.73
C TYR B 55 -11.33 -20.01 -15.39
N LEU B 56 -11.32 -18.93 -16.14
CA LEU B 56 -12.21 -17.82 -15.86
C LEU B 56 -13.68 -18.20 -16.02
N ILE B 57 -13.95 -19.03 -17.02
CA ILE B 57 -15.30 -19.51 -17.30
C ILE B 57 -15.80 -20.40 -16.17
N ASP B 58 -14.94 -21.29 -15.69
CA ASP B 58 -15.25 -22.17 -14.55
C ASP B 58 -15.27 -21.49 -13.21
N GLY B 59 -15.00 -20.21 -13.16
CA GLY B 59 -14.95 -19.50 -11.88
C GLY B 59 -13.80 -19.97 -10.99
N THR B 60 -12.86 -20.75 -11.55
CA THR B 60 -11.78 -21.34 -10.78
C THR B 60 -10.96 -20.29 -10.05
N ASN B 61 -10.50 -20.62 -8.85
CA ASN B 61 -9.77 -19.64 -8.04
C ASN B 61 -8.25 -19.80 -8.19
N PHE B 62 -7.52 -18.70 -7.97
CA PHE B 62 -6.12 -18.63 -8.37
C PHE B 62 -5.34 -19.82 -7.81
N ASN B 63 -5.54 -20.09 -6.53
CA ASN B 63 -4.89 -21.20 -5.84
C ASN B 63 -5.11 -22.60 -6.44
N LYS B 64 -6.13 -22.76 -7.28
CA LYS B 64 -6.37 -24.04 -7.94
C LYS B 64 -5.98 -24.02 -9.42
N THR B 65 -5.18 -23.03 -9.83
CA THR B 65 -4.71 -22.95 -11.22
C THR B 65 -3.28 -23.46 -11.34
N CYS B 66 -2.87 -23.83 -12.56
CA CYS B 66 -1.45 -24.04 -12.86
C CYS B 66 -0.52 -22.91 -12.49
N TYR B 67 -1.06 -21.75 -12.06
CA TYR B 67 -0.26 -20.52 -11.94
C TYR B 67 0.18 -20.25 -10.55
N CYS B 68 -0.28 -21.05 -9.58
CA CYS B 68 -0.04 -20.74 -8.18
C CYS B 68 1.40 -21.08 -7.74
N GLY B 69 1.93 -20.30 -6.80
CA GLY B 69 3.14 -20.64 -6.11
C GLY B 69 4.41 -20.20 -6.80
N PHE B 70 4.33 -19.13 -7.56
CA PHE B 70 5.51 -18.48 -8.10
C PHE B 70 5.50 -17.10 -7.50
N ASN B 71 6.62 -16.40 -7.57
CA ASN B 71 6.68 -15.06 -7.04
C ASN B 71 6.02 -14.16 -8.04
N TYR B 72 5.16 -13.27 -7.56
CA TYR B 72 4.38 -12.42 -8.42
C TYR B 72 4.51 -10.99 -8.04
N SER B 73 5.71 -10.61 -7.61
CA SER B 73 6.01 -9.20 -7.28
C SER B 73 6.10 -8.38 -8.54
N HIS B 74 6.48 -9.03 -9.64
CA HIS B 74 6.46 -8.41 -10.99
C HIS B 74 5.01 -8.16 -11.52
N LEU B 75 4.03 -8.93 -11.01
CA LEU B 75 2.61 -8.83 -11.43
C LEU B 75 1.69 -8.41 -10.27
N PRO B 76 1.71 -7.13 -9.91
CA PRO B 76 0.95 -6.64 -8.76
C PRO B 76 -0.53 -7.06 -8.82
N ASN B 77 -1.04 -7.60 -7.70
CA ASN B 77 -2.44 -7.95 -7.49
C ASN B 77 -2.98 -9.10 -8.32
N LEU B 78 -2.09 -9.93 -8.85
CA LEU B 78 -2.54 -11.00 -9.73
C LEU B 78 -3.63 -11.87 -9.09
N GLU B 79 -3.37 -12.40 -7.91
CA GLU B 79 -4.34 -13.29 -7.24
C GLU B 79 -5.71 -12.60 -6.93
N ARG B 80 -5.65 -11.42 -6.36
CA ARG B 80 -6.83 -10.66 -6.04
C ARG B 80 -7.69 -10.41 -7.30
N ASP B 81 -7.12 -9.67 -8.26
CA ASP B 81 -7.84 -9.35 -9.48
C ASP B 81 -8.22 -10.59 -10.26
N PHE B 82 -7.37 -11.61 -10.28
CA PHE B 82 -7.75 -12.87 -10.92
C PHE B 82 -9.06 -13.49 -10.34
N ASN B 83 -9.22 -13.46 -9.02
CA ASN B 83 -10.37 -14.07 -8.39
C ASN B 83 -11.64 -13.21 -8.59
N ILE B 84 -11.49 -11.90 -8.49
CA ILE B 84 -12.58 -10.98 -8.84
C ILE B 84 -13.06 -11.24 -10.28
N ALA B 85 -12.12 -11.30 -11.22
CA ALA B 85 -12.42 -11.54 -12.61
C ALA B 85 -13.03 -12.90 -12.81
N SER B 86 -12.50 -13.89 -12.10
CA SER B 86 -13.00 -15.26 -12.23
C SER B 86 -14.50 -15.36 -11.84
N LEU B 87 -14.87 -14.61 -10.84
CA LEU B 87 -16.24 -14.66 -10.33
C LEU B 87 -17.13 -13.99 -11.34
N TYR B 88 -16.71 -12.81 -11.78
CA TYR B 88 -17.48 -12.01 -12.74
C TYR B 88 -17.71 -12.72 -14.05
N VAL B 89 -16.72 -13.46 -14.52
CA VAL B 89 -16.88 -14.21 -15.76
C VAL B 89 -17.80 -15.37 -15.52
N ARG B 90 -17.60 -16.07 -14.40
CA ARG B 90 -18.43 -17.23 -14.03
C ARG B 90 -19.91 -16.87 -13.98
N GLU B 91 -20.23 -15.79 -13.25
CA GLU B 91 -21.62 -15.33 -13.12
C GLU B 91 -22.22 -14.97 -14.46
N ASN B 92 -21.46 -14.28 -15.31
CA ASN B 92 -21.94 -13.93 -16.64
C ASN B 92 -22.23 -15.18 -17.47
N PHE B 93 -21.30 -16.13 -17.45
CA PHE B 93 -21.50 -17.38 -18.13
C PHE B 93 -22.85 -17.96 -17.68
N GLU B 94 -23.06 -18.07 -16.37
CA GLU B 94 -24.27 -18.69 -15.83
C GLU B 94 -25.54 -17.98 -16.31
N ILE B 95 -25.54 -16.65 -16.26
CA ILE B 95 -26.63 -15.86 -16.80
C ILE B 95 -26.91 -16.20 -18.27
N CYS B 96 -25.86 -16.34 -19.10
CA CYS B 96 -26.03 -16.68 -20.51
C CYS B 96 -26.46 -18.12 -20.72
N THR B 97 -26.23 -18.99 -19.73
CA THR B 97 -26.56 -20.42 -19.89
C THR B 97 -27.74 -20.90 -19.04
N ASP B 98 -28.23 -20.07 -18.12
CA ASP B 98 -29.39 -20.44 -17.33
C ASP B 98 -30.62 -20.60 -18.24
N GLN B 99 -30.70 -19.79 -19.29
CA GLN B 99 -31.79 -19.89 -20.28
C GLN B 99 -31.59 -20.97 -21.36
N LEU B 100 -30.69 -21.91 -21.09
CA LEU B 100 -30.48 -23.06 -21.98
C LEU B 100 -30.49 -24.32 -21.16
N ASP B 101 -30.93 -25.42 -21.77
CA ASP B 101 -30.81 -26.74 -21.17
C ASP B 101 -29.55 -27.38 -21.74
N LEU B 102 -28.57 -27.59 -20.86
CA LEU B 102 -27.27 -28.16 -21.23
C LEU B 102 -26.94 -29.43 -20.44
N ALA B 103 -27.96 -30.06 -19.85
CA ALA B 103 -27.76 -31.26 -19.06
C ALA B 103 -27.33 -32.45 -19.93
N ASN B 104 -27.82 -32.50 -21.16
CA ASN B 104 -27.44 -33.54 -22.12
C ASN B 104 -26.10 -33.32 -22.83
N TYR B 105 -25.56 -32.10 -22.75
CA TYR B 105 -24.43 -31.67 -23.59
C TYR B 105 -23.09 -31.60 -22.89
N VAL B 106 -22.02 -31.50 -23.69
CA VAL B 106 -20.66 -31.16 -23.19
C VAL B 106 -19.97 -30.01 -23.95
N ARG B 107 -19.38 -29.11 -23.19
CA ARG B 107 -18.55 -28.03 -23.72
C ARG B 107 -17.34 -28.62 -24.40
N GLN B 108 -17.17 -28.34 -25.69
CA GLN B 108 -15.96 -28.76 -26.40
C GLN B 108 -14.73 -27.98 -25.89
N PRO B 109 -13.52 -28.54 -26.09
CA PRO B 109 -12.32 -27.84 -25.62
C PRO B 109 -11.84 -26.81 -26.66
N ASN B 110 -12.77 -25.98 -27.11
CA ASN B 110 -12.52 -24.96 -28.10
C ASN B 110 -13.17 -23.70 -27.59
N ILE B 111 -12.39 -22.64 -27.51
CA ILE B 111 -12.92 -21.34 -27.16
C ILE B 111 -12.49 -20.44 -28.29
N SER B 112 -13.38 -19.56 -28.71
CA SER B 112 -13.07 -18.56 -29.71
C SER B 112 -13.18 -17.18 -29.04
N ILE B 113 -12.53 -16.18 -29.61
CA ILE B 113 -12.70 -14.81 -29.17
C ILE B 113 -12.99 -14.00 -30.41
N LYS B 114 -14.09 -13.25 -30.35
CA LYS B 114 -14.42 -12.26 -31.35
C LYS B 114 -14.06 -10.93 -30.73
N SER B 115 -13.65 -9.99 -31.57
CA SER B 115 -13.16 -8.70 -31.11
C SER B 115 -14.10 -7.66 -31.69
N PRO B 116 -14.13 -6.44 -31.13
CA PRO B 116 -13.37 -5.92 -30.00
C PRO B 116 -14.10 -5.87 -28.67
N ASP B 117 -15.20 -6.62 -28.53
CA ASP B 117 -15.90 -6.68 -27.24
C ASP B 117 -15.40 -7.82 -26.32
N PHE B 118 -14.34 -8.49 -26.76
CA PHE B 118 -13.79 -9.67 -26.09
C PHE B 118 -14.87 -10.67 -25.84
N THR B 119 -15.44 -11.10 -26.96
CA THR B 119 -16.55 -11.99 -26.95
C THR B 119 -16.05 -13.39 -26.99
N VAL B 120 -16.14 -14.05 -25.85
CA VAL B 120 -15.76 -15.45 -25.72
C VAL B 120 -16.93 -16.33 -26.18
N CYS B 121 -16.65 -17.25 -27.09
CA CYS B 121 -17.65 -18.11 -27.70
C CYS B 121 -17.39 -19.57 -27.42
N LEU B 122 -18.35 -20.26 -26.81
CA LEU B 122 -18.23 -21.68 -26.51
C LEU B 122 -19.09 -22.51 -27.45
N GLU B 123 -18.68 -23.75 -27.73
CA GLU B 123 -19.59 -24.67 -28.45
C GLU B 123 -19.87 -25.96 -27.66
N TYR B 124 -21.15 -26.27 -27.53
CA TYR B 124 -21.60 -27.46 -26.79
C TYR B 124 -22.10 -28.51 -27.76
N VAL B 125 -21.84 -29.79 -27.45
CA VAL B 125 -22.38 -30.93 -28.24
C VAL B 125 -22.90 -32.00 -27.29
N LEU B 126 -23.83 -32.83 -27.79
CA LEU B 126 -24.46 -33.88 -26.97
C LEU B 126 -23.50 -35.00 -26.55
N LYS B 127 -23.63 -35.45 -25.29
CA LYS B 127 -22.80 -36.54 -24.75
C LYS B 127 -22.93 -37.79 -25.63
N THR B 128 -24.11 -37.94 -26.25
CA THR B 128 -24.38 -38.97 -27.25
C THR B 128 -23.39 -38.90 -28.43
N VAL B 129 -23.29 -37.74 -29.06
CA VAL B 129 -22.46 -37.59 -30.28
C VAL B 129 -20.94 -37.66 -30.03
N VAL B 130 -20.46 -37.19 -28.87
CA VAL B 130 -19.01 -37.08 -28.58
C VAL B 130 -18.26 -38.42 -28.48
N GLN B 157 -30.41 -28.98 -31.85
CA GLN B 157 -30.39 -30.08 -30.88
C GLN B 157 -29.00 -30.76 -30.78
N GLU B 158 -28.31 -30.90 -31.91
CA GLU B 158 -26.99 -31.56 -31.95
C GLU B 158 -25.91 -30.73 -31.23
N THR B 159 -25.70 -29.51 -31.72
CA THR B 159 -24.73 -28.56 -31.14
C THR B 159 -25.39 -27.21 -30.78
N LYS B 160 -24.90 -26.59 -29.70
CA LYS B 160 -25.40 -25.28 -29.26
C LYS B 160 -24.22 -24.33 -28.99
N PHE B 161 -24.45 -23.04 -29.23
CA PHE B 161 -23.43 -21.99 -29.11
C PHE B 161 -23.82 -20.96 -28.08
N VAL B 162 -22.83 -20.43 -27.37
CA VAL B 162 -23.08 -19.33 -26.41
C VAL B 162 -21.94 -18.30 -26.48
N GLU B 163 -22.29 -17.02 -26.42
CA GLU B 163 -21.34 -15.90 -26.50
C GLU B 163 -21.55 -14.94 -25.36
N MET B 164 -20.47 -14.57 -24.68
CA MET B 164 -20.53 -13.55 -23.65
C MET B 164 -19.45 -12.53 -23.98
N SER B 165 -19.84 -11.27 -24.10
CA SER B 165 -18.88 -10.21 -24.29
C SER B 165 -18.42 -9.79 -22.92
N LEU B 166 -17.19 -10.13 -22.58
CA LEU B 166 -16.67 -9.81 -21.26
C LEU B 166 -16.31 -8.32 -21.12
N LEU B 167 -15.87 -7.70 -22.23
CA LEU B 167 -15.49 -6.30 -22.23
C LEU B 167 -16.12 -5.58 -23.40
N PRO B 168 -17.45 -5.34 -23.34
CA PRO B 168 -18.17 -4.69 -24.45
C PRO B 168 -17.73 -3.24 -24.65
N LEU B 169 -17.46 -2.88 -25.88
CA LEU B 169 -16.81 -1.62 -26.24
C LEU B 169 -17.60 -0.77 -27.24
N LEU B 170 -18.25 -1.43 -28.21
CA LEU B 170 -19.06 -0.74 -29.23
C LEU B 170 -20.37 -0.12 -28.70
N ASN B 171 -21.09 -0.82 -27.80
CA ASN B 171 -22.36 -0.30 -27.26
C ASN B 171 -22.45 -0.49 -25.75
N ARG B 172 -22.22 0.58 -25.02
CA ARG B 172 -22.25 0.55 -23.56
C ARG B 172 -23.28 1.53 -23.04
N GLU B 173 -23.61 1.40 -21.76
CA GLU B 173 -24.59 2.28 -21.12
C GLU B 173 -23.92 3.51 -20.52
N GLU B 175 -21.73 4.59 -18.82
CA GLU B 175 -21.17 4.57 -17.47
C GLU B 175 -22.28 4.65 -16.40
N GLU B 176 -23.18 5.62 -16.56
CA GLU B 176 -24.20 5.96 -15.56
C GLU B 176 -25.17 4.83 -15.16
N SER B 177 -25.51 3.95 -16.12
CA SER B 177 -26.50 2.88 -15.88
C SER B 177 -25.87 1.50 -15.67
N LEU B 178 -24.76 1.45 -14.92
CA LEU B 178 -23.97 0.23 -14.73
C LEU B 178 -23.54 0.04 -13.28
N THR B 179 -23.79 -1.16 -12.74
CA THR B 179 -23.51 -1.42 -11.32
C THR B 179 -22.01 -1.31 -11.02
N GLU B 180 -21.68 -1.30 -9.73
CA GLU B 180 -20.29 -1.33 -9.30
C GLU B 180 -19.74 -2.73 -9.55
N GLU B 181 -20.57 -3.74 -9.32
CA GLU B 181 -20.19 -5.14 -9.57
C GLU B 181 -19.60 -5.31 -10.98
N ILE B 182 -20.26 -4.69 -11.96
CA ILE B 182 -19.87 -4.81 -13.37
C ILE B 182 -18.62 -4.01 -13.70
N LEU B 183 -18.56 -2.76 -13.27
CA LEU B 183 -17.36 -1.97 -13.47
C LEU B 183 -16.15 -2.57 -12.76
N GLU B 184 -16.37 -3.21 -11.62
CA GLU B 184 -15.27 -3.78 -10.85
C GLU B 184 -14.82 -5.08 -11.50
N GLY B 185 -15.78 -5.84 -12.01
CA GLY B 185 -15.49 -7.10 -12.70
C GLY B 185 -14.74 -6.88 -14.00
N GLU B 186 -15.20 -5.89 -14.77
CA GLU B 186 -14.54 -5.54 -16.01
C GLU B 186 -13.10 -5.06 -15.75
N GLY B 187 -12.95 -4.16 -14.79
CA GLY B 187 -11.64 -3.60 -14.47
C GLY B 187 -10.67 -4.67 -14.04
N ALA B 188 -11.19 -5.70 -13.40
CA ALA B 188 -10.40 -6.83 -12.97
C ALA B 188 -10.03 -7.70 -14.16
N VAL B 189 -10.99 -7.99 -15.05
CA VAL B 189 -10.68 -8.74 -16.28
C VAL B 189 -9.58 -8.07 -17.11
N VAL B 190 -9.68 -6.76 -17.30
CA VAL B 190 -8.71 -6.03 -18.06
C VAL B 190 -7.34 -6.07 -17.41
N ASN B 191 -7.28 -5.99 -16.08
CA ASN B 191 -6.01 -5.96 -15.38
C ASN B 191 -5.34 -7.32 -15.44
N VAL B 192 -6.14 -8.37 -15.33
CA VAL B 192 -5.66 -9.73 -15.57
C VAL B 192 -5.04 -9.92 -16.96
N LEU B 193 -5.68 -9.34 -17.96
CA LEU B 193 -5.17 -9.45 -19.31
C LEU B 193 -3.84 -8.72 -19.40
N LYS B 194 -3.76 -7.56 -18.74
CA LYS B 194 -2.54 -6.78 -18.81
C LYS B 194 -1.40 -7.52 -18.15
N LEU B 195 -1.71 -8.18 -17.05
CA LEU B 195 -0.77 -8.94 -16.32
C LEU B 195 -0.34 -10.17 -17.12
N PHE B 196 -1.27 -10.79 -17.84
CA PHE B 196 -0.93 -11.90 -18.73
C PHE B 196 0.08 -11.49 -19.78
N ILE B 197 -0.14 -10.35 -20.39
CA ILE B 197 0.75 -9.82 -21.40
C ILE B 197 2.11 -9.46 -20.80
N LYS B 198 2.13 -8.89 -19.58
CA LYS B 198 3.40 -8.62 -18.92
C LYS B 198 4.18 -9.89 -18.63
N GLY B 199 3.48 -10.92 -18.22
CA GLY B 199 4.03 -12.20 -17.98
C GLY B 199 4.58 -12.78 -19.26
N PHE B 200 3.80 -12.72 -20.33
CA PHE B 200 4.29 -13.10 -21.66
C PHE B 200 5.62 -12.37 -22.01
N LEU B 201 5.64 -11.04 -21.86
CA LEU B 201 6.77 -10.26 -22.31
C LEU B 201 8.02 -10.57 -21.49
N MET B 202 7.83 -10.81 -20.18
CA MET B 202 8.93 -11.10 -19.30
C MET B 202 9.54 -12.45 -19.54
N HIS B 203 8.70 -13.46 -19.77
CA HIS B 203 9.19 -14.72 -20.22
C HIS B 203 9.94 -14.60 -21.55
N LEU B 204 9.39 -13.85 -22.50
CA LEU B 204 10.05 -13.69 -23.81
C LEU B 204 11.42 -13.09 -23.63
N GLY B 205 11.48 -12.05 -22.82
CA GLY B 205 12.75 -11.35 -22.59
C GLY B 205 13.86 -12.27 -22.02
N GLU B 206 13.50 -13.18 -21.11
CA GLU B 206 14.48 -13.99 -20.39
C GLU B 206 14.78 -15.29 -21.09
N ASN B 207 14.02 -15.66 -22.11
CA ASN B 207 14.14 -16.98 -22.69
C ASN B 207 14.25 -17.08 -24.17
N PRO B 208 15.35 -16.57 -24.73
CA PRO B 208 15.63 -16.81 -26.15
C PRO B 208 15.47 -18.26 -26.55
N ASN B 209 15.07 -18.44 -27.79
CA ASN B 209 14.88 -19.73 -28.41
C ASN B 209 15.11 -19.53 -29.90
N SER B 210 15.67 -20.53 -30.56
CA SER B 210 16.08 -20.37 -31.94
C SER B 210 14.87 -20.44 -32.89
N TYR B 211 13.72 -20.86 -32.38
CA TYR B 211 12.47 -20.75 -33.15
C TYR B 211 11.83 -19.36 -33.07
N ASP B 212 12.35 -18.48 -32.24
CA ASP B 212 11.74 -17.16 -32.05
C ASP B 212 11.49 -16.42 -33.37
N ARG B 213 12.43 -16.50 -34.28
CA ARG B 213 12.34 -15.80 -35.59
C ARG B 213 11.12 -16.19 -36.37
N GLN B 214 10.58 -17.36 -36.09
CA GLN B 214 9.43 -17.87 -36.79
C GLN B 214 8.13 -17.68 -36.01
N LEU B 215 8.15 -17.02 -34.87
CA LEU B 215 6.92 -16.93 -34.10
C LEU B 215 6.50 -15.49 -33.99
N THR B 216 5.22 -15.25 -33.86
CA THR B 216 4.74 -13.88 -33.74
C THR B 216 3.69 -13.75 -32.68
N VAL B 217 3.35 -12.52 -32.32
CA VAL B 217 2.37 -12.21 -31.30
C VAL B 217 0.92 -12.30 -31.80
N GLU B 218 0.75 -12.85 -32.99
CA GLU B 218 -0.55 -13.01 -33.67
C GLU B 218 -1.74 -13.40 -32.75
N LYS B 219 -1.58 -14.42 -31.91
CA LYS B 219 -2.68 -14.97 -31.14
C LYS B 219 -3.08 -14.16 -29.92
N TYR B 220 -2.24 -13.21 -29.52
CA TYR B 220 -2.50 -12.36 -28.41
C TYR B 220 -3.34 -11.13 -28.78
N ARG B 221 -3.67 -11.01 -30.04
CA ARG B 221 -4.29 -9.82 -30.52
C ARG B 221 -5.58 -9.44 -29.79
N PRO B 222 -6.52 -10.37 -29.63
CA PRO B 222 -7.80 -9.97 -29.02
C PRO B 222 -7.56 -9.43 -27.63
N LEU B 223 -6.60 -10.00 -26.91
CA LEU B 223 -6.32 -9.47 -25.58
C LEU B 223 -5.82 -8.03 -25.70
N LEU B 224 -4.89 -7.83 -26.62
CA LEU B 224 -4.27 -6.55 -26.77
C LEU B 224 -5.25 -5.47 -27.22
N VAL B 225 -6.08 -5.80 -28.18
CA VAL B 225 -7.09 -4.88 -28.67
C VAL B 225 -8.02 -4.47 -27.53
N SER B 226 -8.50 -5.43 -26.73
CA SER B 226 -9.40 -5.10 -25.62
C SER B 226 -8.70 -4.27 -24.53
N ILE B 227 -7.44 -4.55 -24.28
CA ILE B 227 -6.71 -3.76 -23.29
C ILE B 227 -6.67 -2.31 -23.76
N VAL B 228 -6.30 -2.09 -25.01
CA VAL B 228 -6.21 -0.73 -25.55
C VAL B 228 -7.62 -0.09 -25.63
N GLY B 229 -8.57 -0.81 -26.19
CA GLY B 229 -9.90 -0.29 -26.36
C GLY B 229 -10.56 0.11 -25.05
N TYR B 230 -10.50 -0.77 -24.05
CA TYR B 230 -11.18 -0.50 -22.80
C TYR B 230 -10.53 0.68 -22.12
N GLU B 231 -9.20 0.73 -22.05
CA GLU B 231 -8.51 1.83 -21.35
C GLU B 231 -8.79 3.14 -22.02
N TYR B 232 -8.98 3.12 -23.34
CA TYR B 232 -9.24 4.36 -24.05
C TYR B 232 -10.68 4.78 -23.79
N LEU B 233 -11.63 3.96 -24.24
CA LEU B 233 -13.07 4.29 -24.18
C LEU B 233 -13.68 4.31 -22.77
N VAL B 234 -12.93 3.91 -21.76
CA VAL B 234 -13.36 4.01 -20.37
C VAL B 234 -12.18 4.08 -19.39
N GLY B 235 -12.37 4.74 -18.26
CA GLY B 235 -11.30 4.89 -17.28
C GLY B 235 -10.97 3.57 -16.62
N LYS B 242 -6.20 7.95 -22.44
CA LYS B 242 -4.81 7.70 -22.85
C LYS B 242 -4.59 6.29 -23.48
N ILE B 243 -3.46 6.15 -24.21
CA ILE B 243 -3.14 4.94 -24.96
C ILE B 243 -1.72 4.48 -24.70
N ASN B 244 -1.57 3.23 -24.24
CA ASN B 244 -0.26 2.68 -24.02
C ASN B 244 0.37 2.20 -25.31
N HIS B 245 1.53 2.78 -25.64
CA HIS B 245 2.10 2.58 -26.95
C HIS B 245 2.62 1.15 -27.12
N ILE B 246 2.98 0.52 -26.02
CA ILE B 246 3.43 -0.90 -26.10
C ILE B 246 2.28 -1.76 -26.54
N TYR B 247 1.19 -1.73 -25.77
CA TYR B 247 -0.04 -2.48 -26.12
C TYR B 247 -0.51 -2.17 -27.52
N TYR B 248 -0.49 -0.91 -27.88
CA TYR B 248 -0.99 -0.48 -29.21
C TYR B 248 -0.10 -0.96 -30.35
N GLN B 249 1.21 -1.00 -30.12
CA GLN B 249 2.15 -1.52 -31.16
C GLN B 249 1.91 -2.97 -31.40
N LEU B 250 1.73 -3.73 -30.34
CA LEU B 250 1.54 -5.19 -30.47
C LEU B 250 0.19 -5.59 -31.04
N ALA B 251 -0.84 -4.80 -30.75
CA ALA B 251 -2.17 -5.00 -31.35
C ALA B 251 -2.14 -4.66 -32.80
N THR B 252 -1.42 -3.60 -33.14
CA THR B 252 -1.37 -3.14 -34.53
C THR B 252 -0.58 -4.12 -35.37
N PHE B 253 0.65 -4.44 -34.92
CA PHE B 253 1.53 -5.31 -35.67
C PHE B 253 1.51 -6.74 -35.12
N ASP B 254 0.43 -7.40 -35.39
CA ASP B 254 0.25 -8.78 -34.89
C ASP B 254 1.21 -9.72 -35.54
N ASN B 255 2.04 -9.23 -36.46
CA ASN B 255 3.08 -10.02 -37.14
C ASN B 255 4.46 -9.79 -36.52
N TYR B 256 4.50 -9.21 -35.33
CA TYR B 256 5.79 -8.88 -34.66
C TYR B 256 6.50 -10.18 -34.30
N PRO B 257 7.65 -10.46 -34.90
CA PRO B 257 8.39 -11.67 -34.55
C PRO B 257 8.94 -11.58 -33.16
N PHE B 258 8.96 -12.69 -32.44
CA PHE B 258 9.52 -12.75 -31.08
C PHE B 258 10.97 -12.25 -30.88
N ASP B 259 11.88 -12.61 -31.77
CA ASP B 259 13.28 -12.17 -31.55
C ASP B 259 13.36 -10.70 -31.80
N LEU B 260 12.80 -10.25 -32.92
CA LEU B 260 12.74 -8.81 -33.13
C LEU B 260 12.05 -8.06 -32.00
N LEU B 261 10.99 -8.61 -31.47
CA LEU B 261 10.31 -7.91 -30.38
C LEU B 261 11.24 -7.72 -29.20
N ARG B 262 11.91 -8.81 -28.82
CA ARG B 262 12.81 -8.77 -27.65
C ARG B 262 13.84 -7.71 -27.81
N PHE B 263 14.40 -7.60 -29.00
CA PHE B 263 15.47 -6.63 -29.21
C PHE B 263 14.98 -5.19 -29.32
N GLN B 264 13.74 -5.01 -29.70
CA GLN B 264 13.25 -3.66 -29.97
C GLN B 264 12.32 -3.09 -28.97
N LEU B 265 11.68 -3.96 -28.17
CA LEU B 265 10.55 -3.55 -27.32
C LEU B 265 10.82 -2.31 -26.46
N SER B 266 11.97 -2.28 -25.83
CA SER B 266 12.32 -1.20 -24.91
C SER B 266 12.58 0.16 -25.58
N SER B 267 12.65 0.23 -26.90
CA SER B 267 12.87 1.48 -27.63
C SER B 267 11.72 1.74 -28.57
N LEU B 268 10.51 1.43 -28.11
CA LEU B 268 9.33 1.55 -28.96
C LEU B 268 8.86 3.00 -29.00
N ILE B 269 8.41 3.41 -30.18
CA ILE B 269 8.04 4.79 -30.41
C ILE B 269 6.59 5.06 -30.00
N SER B 270 6.32 6.31 -29.65
CA SER B 270 5.01 6.71 -29.20
C SER B 270 4.08 6.93 -30.37
N THR B 271 2.79 6.99 -30.08
CA THR B 271 1.75 7.20 -31.09
C THR B 271 1.94 8.55 -31.76
N PRO B 272 2.00 8.57 -33.09
CA PRO B 272 2.12 9.86 -33.78
C PRO B 272 0.91 10.75 -33.52
N THR B 273 1.15 12.05 -33.42
CA THR B 273 0.09 13.00 -33.03
C THR B 273 -1.03 13.05 -34.06
N SER B 274 -0.73 12.82 -35.34
CA SER B 274 -1.78 12.74 -36.37
C SER B 274 -2.72 11.55 -36.15
N ILE B 275 -2.20 10.48 -35.54
CA ILE B 275 -3.00 9.30 -35.27
C ILE B 275 -3.81 9.53 -34.01
N LEU B 276 -3.15 10.02 -32.98
CA LEU B 276 -3.83 10.38 -31.73
C LEU B 276 -5.06 11.21 -31.98
N GLU B 277 -4.95 12.16 -32.90
CA GLU B 277 -6.05 13.07 -33.18
C GLU B 277 -7.06 12.43 -34.11
N ARG B 278 -6.62 11.62 -35.06
CA ARG B 278 -7.58 10.84 -35.84
C ARG B 278 -8.38 9.90 -34.93
N ILE B 279 -7.80 9.45 -33.81
CA ILE B 279 -8.49 8.56 -32.87
C ILE B 279 -9.58 9.32 -32.12
N THR B 280 -9.21 10.47 -31.54
CA THR B 280 -10.17 11.34 -30.84
C THR B 280 -11.32 11.80 -31.73
N LYS B 281 -11.06 11.98 -33.02
CA LYS B 281 -12.09 12.37 -33.96
C LYS B 281 -12.98 11.20 -34.39
N GLU B 282 -12.47 9.96 -34.37
CA GLU B 282 -13.19 8.84 -35.01
C GLU B 282 -13.19 7.49 -34.31
N GLY B 283 -12.56 7.35 -33.15
CA GLY B 283 -12.81 6.19 -32.30
C GLY B 283 -11.71 5.21 -31.90
N LEU B 284 -11.06 4.58 -32.89
CA LEU B 284 -10.21 3.33 -32.72
C LEU B 284 -10.77 2.22 -33.57
N PHE B 285 -12.09 2.07 -33.56
CA PHE B 285 -12.74 1.11 -34.42
C PHE B 285 -13.54 1.79 -35.51
N LYS B 286 -13.62 1.11 -36.64
CA LYS B 286 -14.38 1.55 -37.79
C LYS B 286 -15.33 0.42 -38.12
N ILE B 287 -16.62 0.63 -37.92
CA ILE B 287 -17.61 -0.43 -38.14
C ILE B 287 -17.96 -0.46 -39.62
N ILE B 288 -18.04 -1.65 -40.18
CA ILE B 288 -18.49 -1.82 -41.56
C ILE B 288 -19.78 -2.66 -41.54
N THR B 289 -20.87 -2.05 -42.01
CA THR B 289 -22.23 -2.43 -41.61
C THR B 289 -23.02 -3.01 -42.78
N THR B 300 -18.46 -7.02 -39.09
CA THR B 300 -17.08 -6.77 -39.50
C THR B 300 -16.54 -5.42 -38.99
N VAL B 301 -15.51 -5.48 -38.15
CA VAL B 301 -14.89 -4.27 -37.55
C VAL B 301 -13.42 -4.14 -37.92
N LEU B 302 -13.02 -2.92 -38.26
CA LEU B 302 -11.64 -2.58 -38.51
C LEU B 302 -11.01 -1.83 -37.34
N PHE B 303 -9.72 -2.04 -37.13
CA PHE B 303 -8.95 -1.43 -36.03
C PHE B 303 -8.06 -0.33 -36.60
N ARG B 304 -7.97 0.77 -35.88
CA ARG B 304 -7.20 1.87 -36.32
C ARG B 304 -5.83 1.76 -35.69
N GLY B 305 -4.88 1.30 -36.49
CA GLY B 305 -3.54 1.06 -36.00
C GLY B 305 -2.69 2.26 -35.69
N ILE B 306 -1.71 2.04 -34.85
CA ILE B 306 -0.74 3.09 -34.52
C ILE B 306 -0.01 3.69 -35.74
N ASN B 307 -0.02 3.00 -36.87
CA ASN B 307 0.67 3.51 -38.07
C ASN B 307 -0.34 3.97 -39.11
N GLY B 308 -1.62 4.00 -38.71
CA GLY B 308 -2.68 4.35 -39.64
C GLY B 308 -3.22 3.18 -40.47
N SER B 309 -2.72 1.98 -40.25
CA SER B 309 -3.23 0.82 -40.94
C SER B 309 -4.64 0.62 -40.45
N GLU B 310 -5.42 -0.17 -41.16
CA GLU B 310 -6.82 -0.42 -40.79
C GLU B 310 -7.14 -1.90 -40.94
N SER B 311 -6.50 -2.69 -40.10
CA SER B 311 -6.58 -4.14 -40.18
C SER B 311 -7.92 -4.70 -39.74
N PHE B 312 -8.32 -5.79 -40.38
CA PHE B 312 -9.58 -6.50 -40.01
C PHE B 312 -9.29 -7.35 -38.80
N LEU B 313 -10.14 -7.24 -37.77
CA LEU B 313 -10.00 -8.07 -36.57
C LEU B 313 -10.82 -9.31 -36.70
N ASN B 314 -10.17 -10.36 -37.18
CA ASN B 314 -10.81 -11.65 -37.38
C ASN B 314 -10.89 -12.45 -36.09
N ILE B 315 -11.78 -13.45 -36.08
CA ILE B 315 -12.03 -14.30 -34.92
C ILE B 315 -10.79 -15.14 -34.69
N LYS B 316 -10.40 -15.35 -33.43
CA LYS B 316 -9.27 -16.27 -33.14
C LYS B 316 -9.81 -17.46 -32.40
N ARG B 317 -9.24 -18.62 -32.70
CA ARG B 317 -9.70 -19.89 -32.11
C ARG B 317 -8.60 -20.49 -31.26
N TYR B 318 -8.92 -20.84 -30.02
CA TYR B 318 -7.96 -21.40 -29.11
C TYR B 318 -8.44 -22.79 -28.68
N ARG B 319 -7.50 -23.71 -28.51
CA ARG B 319 -7.80 -25.09 -28.10
C ARG B 319 -6.89 -25.47 -26.93
N ARG B 320 -7.23 -26.54 -26.22
CA ARG B 320 -6.38 -27.04 -25.15
C ARG B 320 -5.11 -27.65 -25.79
N PHE B 321 -3.96 -27.42 -25.19
CA PHE B 321 -2.72 -27.88 -25.79
C PHE B 321 -2.41 -29.36 -25.52
N ALA C 1 -2.18 4.43 -1.60
CA ALA C 1 -1.42 5.25 -2.61
C ALA C 1 -1.68 4.84 -4.06
N ASP C 2 -2.66 3.98 -4.28
CA ASP C 2 -2.93 3.46 -5.62
C ASP C 2 -3.45 4.56 -6.53
N SER C 3 -3.98 5.62 -5.95
CA SER C 3 -4.51 6.74 -6.72
C SER C 3 -3.53 7.89 -6.92
N VAL C 4 -2.37 7.81 -6.27
CA VAL C 4 -1.40 8.90 -6.33
C VAL C 4 -0.91 9.07 -7.74
N ILE C 5 -0.83 10.31 -8.20
CA ILE C 5 -0.40 10.61 -9.55
C ILE C 5 1.07 10.30 -9.77
N LYS C 6 1.38 9.63 -10.87
CA LYS C 6 2.73 9.22 -11.20
C LYS C 6 3.32 10.35 -11.99
N SER C 7 4.66 10.42 -11.95
CA SER C 7 5.38 11.41 -12.74
C SER C 7 6.44 10.70 -13.55
N ASP C 8 6.66 11.20 -14.75
CA ASP C 8 7.69 10.70 -15.62
C ASP C 8 8.83 11.63 -15.53
N PHE C 9 9.91 11.20 -14.87
CA PHE C 9 11.06 12.08 -14.72
C PHE C 9 12.16 11.77 -15.73
N SER C 10 11.88 10.90 -16.69
CA SER C 10 12.87 10.52 -17.71
C SER C 10 13.37 11.70 -18.59
N SER C 11 12.68 12.83 -18.59
CA SER C 11 13.04 13.98 -19.41
C SER C 11 13.54 15.17 -18.59
N LEU C 12 13.79 14.96 -17.30
CA LEU C 12 14.34 16.01 -16.47
C LEU C 12 15.74 16.41 -16.93
N LYS C 13 16.06 17.69 -16.84
CA LYS C 13 17.38 18.18 -17.26
C LYS C 13 18.41 17.85 -16.20
N LEU C 14 18.99 16.66 -16.33
CA LEU C 14 19.94 16.14 -15.38
C LEU C 14 21.36 16.06 -15.91
N ASP C 15 21.64 16.76 -17.00
CA ASP C 15 22.99 16.83 -17.57
C ASP C 15 23.63 15.46 -17.79
N VAL C 16 22.83 14.49 -18.21
CA VAL C 16 23.35 13.19 -18.63
C VAL C 16 23.04 12.92 -20.10
N LEU D 1 14.25 -10.12 -6.67
CA LEU D 1 15.19 -10.89 -5.78
C LEU D 1 16.57 -10.22 -5.73
N GLU D 2 17.36 -10.43 -6.78
CA GLU D 2 18.72 -9.87 -6.85
C GLU D 2 18.79 -8.69 -7.81
N ARG D 3 18.16 -8.82 -8.97
CA ARG D 3 18.34 -7.89 -10.10
C ARG D 3 17.46 -6.65 -10.02
N ARG D 4 18.05 -5.46 -10.17
CA ARG D 4 17.25 -4.21 -10.15
C ARG D 4 17.86 -3.12 -11.00
N THR D 5 17.00 -2.33 -11.62
CA THR D 5 17.46 -1.33 -12.56
C THR D 5 18.19 -0.22 -11.76
N PHE D 6 19.31 0.24 -12.32
CA PHE D 6 20.28 1.16 -11.68
C PHE D 6 19.70 2.42 -11.02
N GLY D 7 19.91 2.58 -9.71
CA GLY D 7 19.44 3.75 -8.99
C GLY D 7 18.15 3.54 -8.24
N SER D 8 17.45 2.47 -8.58
CA SER D 8 16.15 2.21 -7.99
C SER D 8 16.34 1.73 -6.58
N TYR D 9 15.29 1.86 -5.79
CA TYR D 9 15.30 1.50 -4.38
C TYR D 9 14.17 0.55 -4.14
N LYS D 10 14.16 -0.06 -2.96
CA LYS D 10 13.03 -0.87 -2.52
C LYS D 10 12.69 -0.39 -1.14
N ILE D 11 11.41 -0.49 -0.82
CA ILE D 11 10.91 -0.16 0.50
C ILE D 11 10.44 -1.45 1.12
N GLU D 12 10.99 -1.78 2.30
CA GLU D 12 10.69 -3.03 2.98
C GLU D 12 9.95 -2.66 4.24
N GLU D 13 9.40 -3.63 4.98
CA GLU D 13 8.69 -3.36 6.24
C GLU D 13 9.27 -4.02 7.50
N LEU D 14 9.85 -3.21 8.37
CA LEU D 14 10.24 -3.65 9.70
C LEU D 14 8.97 -3.62 10.56
N THR D 15 8.89 -4.44 11.61
CA THR D 15 7.79 -4.35 12.60
C THR D 15 8.27 -4.44 14.06
N ILE D 16 7.75 -3.53 14.90
CA ILE D 16 8.25 -3.34 16.27
C ILE D 16 7.10 -3.08 17.25
N LYS D 40 2.43 -2.44 14.76
CA LYS D 40 3.30 -1.29 14.57
C LYS D 40 4.39 -1.57 13.50
N LYS D 41 4.19 -1.06 12.29
CA LYS D 41 5.15 -1.25 11.18
C LYS D 41 5.83 0.03 10.70
N ILE D 42 7.15 -0.04 10.47
CA ILE D 42 7.87 1.12 9.94
C ILE D 42 8.56 0.75 8.64
N PRO D 43 8.64 1.70 7.71
CA PRO D 43 9.31 1.43 6.45
C PRO D 43 10.81 1.41 6.60
N LEU D 44 11.45 0.64 5.71
CA LEU D 44 12.91 0.54 5.65
C LEU D 44 13.38 0.71 4.22
N LEU D 45 14.08 1.81 3.97
CA LEU D 45 14.45 2.18 2.60
C LEU D 45 15.73 1.43 2.28
N ASP D 46 15.71 0.72 1.16
CA ASP D 46 16.89 0.10 0.62
C ASP D 46 17.32 0.94 -0.56
N ASP D 47 18.26 1.84 -0.31
CA ASP D 47 18.68 2.84 -1.30
C ASP D 47 19.65 2.26 -2.32
N GLY D 48 20.32 1.16 -1.93
CA GLY D 48 21.29 0.52 -2.79
C GLY D 48 22.60 1.26 -3.00
N ILE D 49 22.89 2.26 -2.16
CA ILE D 49 24.13 3.01 -2.28
C ILE D 49 25.32 2.16 -1.85
N PHE D 50 25.19 1.42 -0.75
CA PHE D 50 26.27 0.51 -0.34
C PHE D 50 26.72 -0.37 -1.49
N GLU D 51 25.75 -1.04 -2.12
CA GLU D 51 26.04 -1.99 -3.17
C GLU D 51 26.74 -1.31 -4.34
N LEU D 52 26.28 -0.13 -4.73
CA LEU D 52 26.96 0.62 -5.78
C LEU D 52 28.44 0.81 -5.46
N LEU D 53 28.72 1.31 -4.26
CA LEU D 53 30.09 1.60 -3.84
C LEU D 53 30.95 0.33 -3.81
N ASN D 54 30.44 -0.71 -3.18
CA ASN D 54 31.07 -2.00 -3.10
C ASN D 54 31.54 -2.50 -4.45
N TYR D 55 30.67 -2.46 -5.44
CA TYR D 55 31.04 -2.88 -6.78
C TYR D 55 32.21 -2.06 -7.30
N LEU D 56 32.17 -0.75 -7.12
CA LEU D 56 33.21 0.13 -7.64
C LEU D 56 34.57 -0.16 -7.00
N ILE D 57 34.54 -0.46 -5.71
CA ILE D 57 35.73 -0.81 -4.96
C ILE D 57 36.35 -2.11 -5.46
N ASP D 58 35.51 -3.11 -5.68
CA ASP D 58 35.95 -4.41 -6.21
C ASP D 58 36.29 -4.37 -7.70
N GLY D 59 36.16 -3.23 -8.35
CA GLY D 59 36.46 -3.14 -9.78
C GLY D 59 35.52 -3.96 -10.63
N THR D 60 34.42 -4.44 -10.02
CA THR D 60 33.45 -5.31 -10.68
C THR D 60 32.91 -4.65 -11.94
N ASN D 61 32.69 -5.46 -12.97
CA ASN D 61 32.26 -4.93 -14.25
C ASN D 61 30.76 -5.00 -14.39
N PHE D 62 30.23 -4.10 -15.22
CA PHE D 62 28.79 -3.89 -15.25
C PHE D 62 28.06 -5.22 -15.39
N ASN D 63 28.48 -6.00 -16.38
CA ASN D 63 27.89 -7.30 -16.70
C ASN D 63 27.85 -8.29 -15.55
N LYS D 64 28.60 -8.05 -14.48
CA LYS D 64 28.55 -8.92 -13.28
C LYS D 64 27.82 -8.27 -12.09
N THR D 65 27.06 -7.20 -12.33
CA THR D 65 26.32 -6.52 -11.27
C THR D 65 24.85 -6.90 -11.28
N CYS D 66 24.17 -6.71 -10.16
CA CYS D 66 22.69 -6.78 -10.13
C CYS D 66 21.97 -5.90 -11.16
N TYR D 67 22.70 -5.06 -11.90
CA TYR D 67 22.09 -4.02 -12.69
C TYR D 67 21.94 -4.41 -14.11
N CYS D 68 22.53 -5.54 -14.51
CA CYS D 68 22.69 -5.86 -15.95
C CYS D 68 21.38 -6.38 -16.54
N GLY D 69 21.16 -6.09 -17.81
CA GLY D 69 20.05 -6.67 -18.54
C GLY D 69 18.73 -5.95 -18.42
N PHE D 70 18.76 -4.65 -18.20
CA PHE D 70 17.57 -3.80 -18.29
C PHE D 70 17.88 -2.83 -19.41
N ASN D 71 16.87 -2.16 -19.94
CA ASN D 71 17.10 -1.17 -20.96
C ASN D 71 17.62 0.06 -20.28
N TYR D 72 18.66 0.65 -20.84
CA TYR D 72 19.30 1.81 -20.24
C TYR D 72 19.42 2.96 -21.22
N SER D 73 18.41 3.12 -22.07
CA SER D 73 18.34 4.27 -22.96
C SER D 73 18.06 5.54 -22.19
N HIS D 74 17.37 5.41 -21.05
CA HIS D 74 17.12 6.53 -20.11
C HIS D 74 18.41 7.00 -19.39
N LEU D 75 19.39 6.10 -19.29
CA LEU D 75 20.67 6.37 -18.66
C LEU D 75 21.84 6.27 -19.65
N PRO D 76 22.04 7.31 -20.48
CA PRO D 76 23.09 7.27 -21.51
C PRO D 76 24.47 6.89 -20.97
N ASN D 77 25.11 5.91 -21.63
CA ASN D 77 26.50 5.48 -21.35
C ASN D 77 26.73 4.79 -20.00
N LEU D 78 25.66 4.29 -19.39
CA LEU D 78 25.81 3.68 -18.09
C LEU D 78 26.92 2.61 -18.06
N GLU D 79 26.85 1.59 -18.92
CA GLU D 79 27.81 0.47 -18.88
C GLU D 79 29.26 0.95 -19.14
N ARG D 80 29.44 1.79 -20.16
CA ARG D 80 30.74 2.34 -20.48
C ARG D 80 31.34 3.08 -19.28
N ASP D 81 30.69 4.18 -18.88
CA ASP D 81 31.18 5.02 -17.77
C ASP D 81 31.26 4.23 -16.47
N PHE D 82 30.34 3.30 -16.24
CA PHE D 82 30.43 2.47 -15.03
C PHE D 82 31.73 1.66 -14.99
N ASN D 83 32.13 1.10 -16.13
CA ASN D 83 33.34 0.25 -16.18
C ASN D 83 34.62 1.11 -16.07
N ILE D 84 34.64 2.25 -16.75
CA ILE D 84 35.71 3.22 -16.57
C ILE D 84 35.86 3.60 -15.10
N ALA D 85 34.76 3.99 -14.48
CA ALA D 85 34.74 4.39 -13.08
C ALA D 85 35.14 3.23 -12.18
N SER D 86 34.67 2.02 -12.51
CA SER D 86 34.97 0.84 -11.71
C SER D 86 36.47 0.54 -11.67
N LEU D 87 37.13 0.75 -12.81
CA LEU D 87 38.54 0.50 -12.92
C LEU D 87 39.28 1.55 -12.09
N TYR D 88 38.94 2.82 -12.31
CA TYR D 88 39.57 3.96 -11.64
C TYR D 88 39.45 3.89 -10.13
N VAL D 89 38.32 3.45 -9.62
CA VAL D 89 38.14 3.31 -8.18
C VAL D 89 38.95 2.13 -7.69
N ARG D 90 38.92 1.03 -8.43
CA ARG D 90 39.67 -0.18 -8.08
C ARG D 90 41.17 0.11 -7.97
N GLU D 91 41.73 0.73 -8.99
CA GLU D 91 43.15 1.09 -8.98
C GLU D 91 43.51 2.00 -7.82
N ASN D 92 42.69 3.01 -7.54
CA ASN D 92 42.90 3.89 -6.40
C ASN D 92 42.88 3.14 -5.08
N PHE D 93 41.90 2.26 -4.92
CA PHE D 93 41.84 1.40 -3.75
C PHE D 93 43.16 0.66 -3.58
N GLU D 94 43.61 0.00 -4.65
CA GLU D 94 44.84 -0.80 -4.61
C GLU D 94 46.06 0.04 -4.21
N ILE D 95 46.20 1.22 -4.81
CA ILE D 95 47.24 2.18 -4.42
C ILE D 95 47.18 2.49 -2.91
N CYS D 96 45.99 2.74 -2.38
CA CYS D 96 45.85 3.04 -0.95
C CYS D 96 46.08 1.82 -0.06
N THR D 97 45.93 0.62 -0.61
CA THR D 97 46.07 -0.61 0.20
C THR D 97 47.34 -1.44 -0.10
N ASP D 98 48.08 -1.09 -1.15
CA ASP D 98 49.34 -1.78 -1.42
C ASP D 98 50.33 -1.54 -0.28
N GLN D 99 50.29 -0.35 0.32
CA GLN D 99 51.16 -0.02 1.46
C GLN D 99 50.61 -0.52 2.82
N LEU D 100 49.68 -1.46 2.78
CA LEU D 100 49.19 -2.11 4.00
C LEU D 100 49.20 -3.62 3.83
N ASP D 101 49.42 -4.33 4.92
CA ASP D 101 49.27 -5.78 4.95
C ASP D 101 47.87 -6.09 5.44
N LEU D 102 47.05 -6.66 4.56
CA LEU D 102 45.66 -6.97 4.84
C LEU D 102 45.35 -8.46 4.63
N ALA D 103 46.39 -9.29 4.62
CA ALA D 103 46.21 -10.73 4.39
C ALA D 103 45.50 -11.41 5.58
N ASN D 104 45.75 -10.90 6.79
CA ASN D 104 45.08 -11.40 8.00
C ASN D 104 43.67 -10.87 8.23
N TYR D 105 43.29 -9.81 7.51
CA TYR D 105 42.07 -9.04 7.81
C TYR D 105 40.89 -9.29 6.88
N VAL D 106 39.71 -8.82 7.30
CA VAL D 106 38.51 -8.75 6.43
C VAL D 106 37.80 -7.38 6.45
N ARG D 107 37.47 -6.90 5.25
CA ARG D 107 36.69 -5.68 5.05
C ARG D 107 35.31 -5.89 5.61
N GLN D 108 34.92 -5.08 6.58
CA GLN D 108 33.56 -5.14 7.11
C GLN D 108 32.57 -4.67 6.05
N PRO D 109 31.29 -5.08 6.19
CA PRO D 109 30.28 -4.66 5.20
C PRO D 109 29.70 -3.28 5.57
N ASN D 110 30.60 -2.34 5.80
CA ASN D 110 30.27 -0.99 6.17
C ASN D 110 31.14 -0.09 5.33
N ILE D 111 30.51 0.82 4.60
CA ILE D 111 31.23 1.83 3.88
C ILE D 111 30.65 3.14 4.39
N SER D 112 31.54 4.11 4.59
CA SER D 112 31.14 5.45 4.95
C SER D 112 31.53 6.40 3.84
N ILE D 113 30.89 7.56 3.80
CA ILE D 113 31.31 8.61 2.86
C ILE D 113 31.42 9.88 3.66
N LYS D 114 32.56 10.53 3.53
CA LYS D 114 32.79 11.85 4.08
C LYS D 114 32.72 12.79 2.92
N SER D 115 32.24 14.00 3.18
CA SER D 115 32.01 14.99 2.14
C SER D 115 32.88 16.19 2.42
N PRO D 116 33.16 17.04 1.42
CA PRO D 116 32.72 17.02 0.03
C PRO D 116 33.71 16.45 -1.01
N ASP D 117 34.70 15.70 -0.57
CA ASP D 117 35.65 15.10 -1.52
C ASP D 117 35.21 13.69 -1.99
N PHE D 118 34.02 13.29 -1.57
CA PHE D 118 33.48 11.94 -1.75
C PHE D 118 34.53 10.94 -1.29
N THR D 119 34.82 11.03 0.00
CA THR D 119 35.83 10.21 0.62
C THR D 119 35.22 8.94 1.15
N VAL D 120 35.48 7.86 0.44
CA VAL D 120 34.94 6.54 0.81
C VAL D 120 35.87 5.96 1.84
N CYS D 121 35.32 5.49 2.96
CA CYS D 121 36.09 4.97 4.07
C CYS D 121 35.70 3.53 4.36
N LEU D 122 36.69 2.63 4.34
CA LEU D 122 36.48 1.21 4.67
C LEU D 122 37.07 0.87 6.04
N GLU D 123 36.49 -0.11 6.73
CA GLU D 123 37.13 -0.61 7.95
C GLU D 123 37.41 -2.11 7.89
N TYR D 124 38.66 -2.46 8.19
CA TYR D 124 39.13 -3.83 8.17
C TYR D 124 39.32 -4.34 9.60
N VAL D 125 38.98 -5.62 9.84
CA VAL D 125 39.24 -6.30 11.13
C VAL D 125 39.84 -7.69 10.88
N LEU D 126 40.56 -8.21 11.86
CA LEU D 126 41.23 -9.51 11.73
C LEU D 126 40.26 -10.70 11.64
N LYS D 127 40.57 -11.66 10.77
CA LYS D 127 39.77 -12.88 10.59
C LYS D 127 39.62 -13.61 11.94
N THR D 128 40.63 -13.46 12.80
CA THR D 128 40.58 -13.94 14.18
C THR D 128 39.41 -13.36 14.98
N VAL D 129 39.30 -12.04 15.00
CA VAL D 129 38.27 -11.35 15.81
C VAL D 129 36.83 -11.53 15.29
N VAL D 130 36.63 -11.61 13.97
CA VAL D 130 35.29 -11.64 13.37
C VAL D 130 34.46 -12.89 13.71
N GLN D 157 46.59 -3.00 15.15
CA GLN D 157 46.65 -4.42 14.79
C GLN D 157 45.25 -5.05 14.70
N GLU D 158 44.33 -4.66 15.60
CA GLU D 158 42.99 -5.24 15.64
C GLU D 158 42.16 -4.80 14.40
N THR D 159 41.96 -3.49 14.26
CA THR D 159 41.22 -2.89 13.13
C THR D 159 42.08 -1.87 12.37
N LYS D 160 41.89 -1.78 11.06
CA LYS D 160 42.58 -0.81 10.22
C LYS D 160 41.59 -0.08 9.31
N PHE D 161 41.90 1.19 9.04
CA PHE D 161 41.03 2.08 8.26
C PHE D 161 41.72 2.55 6.99
N VAL D 162 40.97 2.74 5.91
CA VAL D 162 41.52 3.28 4.67
C VAL D 162 40.50 4.23 4.04
N GLU D 163 40.99 5.36 3.53
CA GLU D 163 40.15 6.41 2.95
C GLU D 163 40.68 6.81 1.59
N MET D 164 39.80 6.87 0.60
CA MET D 164 40.18 7.33 -0.74
C MET D 164 39.17 8.40 -1.13
N SER D 165 39.66 9.59 -1.44
CA SER D 165 38.80 10.64 -1.93
C SER D 165 38.67 10.45 -3.41
N LEU D 166 37.49 10.00 -3.85
CA LEU D 166 37.30 9.70 -5.26
C LEU D 166 37.14 10.99 -6.08
N LEU D 167 36.56 12.02 -5.48
CA LEU D 167 36.31 13.29 -6.17
C LEU D 167 36.77 14.44 -5.31
N PRO D 168 38.09 14.60 -5.16
CA PRO D 168 38.63 15.67 -4.31
C PRO D 168 38.30 17.06 -4.86
N LEU D 169 37.81 17.94 -3.97
CA LEU D 169 37.25 19.23 -4.33
C LEU D 169 37.92 20.43 -3.65
N LEU D 170 38.32 20.26 -2.39
CA LEU D 170 38.98 21.31 -1.61
C LEU D 170 40.41 21.65 -2.05
N ASN D 171 41.23 20.63 -2.36
CA ASN D 171 42.64 20.84 -2.79
C ASN D 171 43.00 20.03 -4.02
N ARG D 172 42.99 20.69 -5.17
CA ARG D 172 43.30 20.06 -6.45
C ARG D 172 44.50 20.73 -7.10
N GLU D 173 45.07 20.05 -8.08
CA GLU D 173 46.25 20.55 -8.78
C GLU D 173 45.84 21.38 -9.99
N GLU D 175 44.13 21.64 -12.45
CA GLU D 175 43.90 20.99 -13.74
C GLU D 175 45.19 20.59 -14.45
N GLU D 176 46.15 21.52 -14.52
CA GLU D 176 47.39 21.36 -15.31
C GLU D 176 48.29 20.17 -14.94
N SER D 177 48.34 19.81 -13.66
CA SER D 177 49.24 18.75 -13.18
C SER D 177 48.53 17.41 -12.90
N LEU D 178 47.59 17.05 -13.78
CA LEU D 178 46.73 15.87 -13.59
C LEU D 178 46.60 15.04 -14.87
N THR D 179 46.83 13.74 -14.76
CA THR D 179 46.83 12.86 -15.94
C THR D 179 45.45 12.84 -16.61
N GLU D 180 45.39 12.29 -17.82
CA GLU D 180 44.12 12.08 -18.50
C GLU D 180 43.39 10.93 -17.81
N GLU D 181 44.14 9.91 -17.38
CA GLU D 181 43.57 8.76 -16.64
C GLU D 181 42.71 9.22 -15.46
N ILE D 182 43.20 10.21 -14.73
CA ILE D 182 42.52 10.74 -13.54
C ILE D 182 41.31 11.60 -13.89
N LEU D 183 41.48 12.54 -14.81
CA LEU D 183 40.34 13.36 -15.28
C LEU D 183 39.25 12.53 -15.94
N GLU D 184 39.63 11.45 -16.62
CA GLU D 184 38.66 10.58 -17.27
C GLU D 184 37.96 9.69 -16.25
N GLY D 185 38.72 9.22 -15.25
CA GLY D 185 38.16 8.40 -14.17
C GLY D 185 37.19 9.19 -13.32
N GLU D 186 37.56 10.41 -12.97
CA GLU D 186 36.71 11.27 -12.17
C GLU D 186 35.41 11.61 -12.93
N GLY D 187 35.55 12.02 -14.19
CA GLY D 187 34.40 12.37 -15.02
C GLY D 187 33.44 11.21 -15.18
N ALA D 188 33.98 10.00 -15.17
CA ALA D 188 33.17 8.79 -15.22
C ALA D 188 32.45 8.54 -13.89
N VAL D 189 33.17 8.65 -12.77
CA VAL D 189 32.56 8.50 -11.45
C VAL D 189 31.40 9.47 -11.26
N VAL D 190 31.61 10.73 -11.60
CA VAL D 190 30.56 11.74 -11.46
C VAL D 190 29.35 11.44 -12.33
N ASN D 191 29.58 10.95 -13.54
CA ASN D 191 28.48 10.68 -14.43
C ASN D 191 27.68 9.49 -13.92
N VAL D 192 28.37 8.48 -13.39
CA VAL D 192 27.73 7.34 -12.75
C VAL D 192 26.83 7.74 -11.58
N LEU D 193 27.30 8.70 -10.79
CA LEU D 193 26.52 9.23 -9.70
C LEU D 193 25.28 9.96 -10.23
N LYS D 194 25.45 10.73 -11.29
CA LYS D 194 24.32 11.46 -11.85
C LYS D 194 23.29 10.50 -12.40
N LEU D 195 23.77 9.42 -13.00
CA LEU D 195 22.89 8.40 -13.55
C LEU D 195 22.18 7.64 -12.44
N PHE D 196 22.87 7.38 -11.33
CA PHE D 196 22.23 6.75 -10.19
C PHE D 196 21.06 7.62 -9.69
N ILE D 197 21.27 8.92 -9.58
CA ILE D 197 20.26 9.82 -9.07
C ILE D 197 19.09 9.89 -10.06
N LYS D 198 19.37 9.88 -11.35
CA LYS D 198 18.32 9.86 -12.36
C LYS D 198 17.49 8.60 -12.26
N GLY D 199 18.16 7.48 -12.02
CA GLY D 199 17.51 6.22 -11.82
C GLY D 199 16.63 6.29 -10.59
N PHE D 200 17.18 6.79 -9.50
CA PHE D 200 16.42 7.01 -8.29
C PHE D 200 15.15 7.85 -8.58
N LEU D 201 15.30 8.97 -9.25
CA LEU D 201 14.17 9.87 -9.44
C LEU D 201 13.08 9.24 -10.29
N MET D 202 13.50 8.49 -11.29
CA MET D 202 12.58 7.86 -12.21
C MET D 202 11.78 6.82 -11.53
N HIS D 203 12.45 6.00 -10.75
CA HIS D 203 11.74 5.03 -9.98
C HIS D 203 10.74 5.69 -9.04
N LEU D 204 11.14 6.78 -8.39
CA LEU D 204 10.28 7.48 -7.45
C LEU D 204 9.04 7.98 -8.16
N GLY D 205 9.24 8.60 -9.32
CA GLY D 205 8.15 9.13 -10.10
C GLY D 205 7.10 8.07 -10.47
N GLU D 206 7.54 6.84 -10.77
CA GLU D 206 6.66 5.79 -11.30
C GLU D 206 6.10 4.92 -10.22
N ASN D 207 6.60 5.02 -8.99
CA ASN D 207 6.18 4.06 -7.97
C ASN D 207 5.71 4.58 -6.64
N PRO D 208 4.54 5.24 -6.59
CA PRO D 208 4.01 5.69 -5.34
C PRO D 208 3.86 4.61 -4.35
N ASN D 209 4.00 4.98 -3.09
CA ASN D 209 3.95 4.06 -1.98
C ASN D 209 3.47 4.89 -0.80
N SER D 210 2.71 4.28 0.10
CA SER D 210 2.09 5.01 1.18
C SER D 210 3.06 5.33 2.28
N TYR D 211 4.25 4.73 2.22
CA TYR D 211 5.33 5.12 3.13
C TYR D 211 6.15 6.31 2.64
N ASP D 212 5.88 6.79 1.42
CA ASP D 212 6.66 7.89 0.87
C ASP D 212 6.73 9.09 1.80
N ARG D 213 5.61 9.42 2.43
CA ARG D 213 5.52 10.59 3.30
C ARG D 213 6.53 10.59 4.44
N GLN D 214 7.00 9.40 4.79
CA GLN D 214 7.97 9.24 5.87
C GLN D 214 9.38 9.09 5.40
N LEU D 215 9.65 9.22 4.13
CA LEU D 215 10.99 8.90 3.65
C LEU D 215 11.58 10.14 3.02
N THR D 216 12.89 10.31 3.09
CA THR D 216 13.51 11.51 2.56
C THR D 216 14.76 11.19 1.83
N VAL D 217 15.29 12.17 1.12
CA VAL D 217 16.50 11.96 0.29
C VAL D 217 17.79 12.08 1.08
N GLU D 218 17.66 12.11 2.39
CA GLU D 218 18.78 12.23 3.35
C GLU D 218 20.08 11.46 2.98
N LYS D 219 19.98 10.19 2.60
CA LYS D 219 21.16 9.34 2.40
C LYS D 219 21.86 9.55 1.10
N TYR D 220 21.21 10.27 0.18
CA TYR D 220 21.78 10.57 -1.11
C TYR D 220 22.63 11.83 -1.09
N ARG D 221 22.70 12.49 0.05
CA ARG D 221 23.37 13.80 0.12
C ARG D 221 24.81 13.84 -0.38
N PRO D 222 25.67 12.91 0.09
CA PRO D 222 27.07 12.98 -0.38
C PRO D 222 27.17 12.87 -1.88
N LEU D 223 26.36 12.01 -2.50
CA LEU D 223 26.40 11.93 -3.96
C LEU D 223 26.03 13.28 -4.53
N LEU D 224 24.95 13.86 -4.02
CA LEU D 224 24.44 15.12 -4.56
C LEU D 224 25.37 16.30 -4.39
N VAL D 225 25.96 16.42 -3.22
CA VAL D 225 26.99 17.44 -2.95
C VAL D 225 28.21 17.31 -3.90
N SER D 226 28.73 16.10 -4.08
CA SER D 226 29.83 15.88 -5.02
C SER D 226 29.44 16.13 -6.48
N ILE D 227 28.23 15.78 -6.87
CA ILE D 227 27.78 16.08 -8.21
C ILE D 227 27.84 17.60 -8.41
N VAL D 228 27.26 18.35 -7.49
CA VAL D 228 27.16 19.81 -7.64
C VAL D 228 28.55 20.42 -7.54
N GLY D 229 29.29 20.01 -6.52
CA GLY D 229 30.63 20.54 -6.31
C GLY D 229 31.55 20.32 -7.51
N TYR D 230 31.63 19.08 -8.01
CA TYR D 230 32.56 18.77 -9.07
C TYR D 230 32.17 19.51 -10.33
N GLU D 231 30.90 19.52 -10.70
CA GLU D 231 30.46 20.21 -11.92
C GLU D 231 30.71 21.71 -11.83
N TYR D 232 30.62 22.28 -10.63
CA TYR D 232 30.90 23.69 -10.49
C TYR D 232 32.41 23.94 -10.58
N LEU D 233 33.16 23.40 -9.63
CA LEU D 233 34.60 23.69 -9.50
C LEU D 233 35.46 23.08 -10.61
N VAL D 234 34.87 22.28 -11.50
CA VAL D 234 35.57 21.75 -12.67
C VAL D 234 34.62 21.36 -13.81
N GLY D 235 35.09 21.42 -15.05
CA GLY D 235 34.28 21.02 -16.20
C GLY D 235 33.98 19.53 -16.22
N LYS D 242 28.67 26.23 -13.98
CA LYS D 242 27.21 26.15 -13.90
C LYS D 242 26.71 25.20 -12.81
N ILE D 243 25.46 25.42 -12.38
CA ILE D 243 24.85 24.67 -11.28
C ILE D 243 23.46 24.14 -11.66
N ASN D 244 23.27 22.83 -11.57
CA ASN D 244 21.97 22.21 -11.81
C ASN D 244 21.06 22.37 -10.61
N HIS D 245 19.93 23.04 -10.81
CA HIS D 245 19.10 23.43 -9.65
C HIS D 245 18.41 22.21 -9.01
N ILE D 246 18.18 21.16 -9.78
CA ILE D 246 17.61 19.94 -9.22
C ILE D 246 18.59 19.35 -8.21
N TYR D 247 19.80 19.04 -8.65
CA TYR D 247 20.85 18.50 -7.78
C TYR D 247 21.07 19.40 -6.57
N TYR D 248 21.10 20.70 -6.79
CA TYR D 248 21.36 21.66 -5.71
C TYR D 248 20.21 21.71 -4.70
N GLN D 249 18.97 21.60 -5.18
CA GLN D 249 17.82 21.58 -4.26
C GLN D 249 17.87 20.36 -3.35
N LEU D 250 18.17 19.21 -3.93
CA LEU D 250 18.18 17.95 -3.19
C LEU D 250 19.36 17.84 -2.21
N ALA D 251 20.49 18.42 -2.56
CA ALA D 251 21.66 18.50 -1.68
C ALA D 251 21.39 19.44 -0.55
N THR D 252 20.74 20.56 -0.87
CA THR D 252 20.43 21.53 0.17
C THR D 252 19.43 20.95 1.14
N PHE D 253 18.28 20.51 0.62
CA PHE D 253 17.14 20.05 1.48
C PHE D 253 17.11 18.54 1.62
N ASP D 254 18.07 18.03 2.38
CA ASP D 254 18.23 16.60 2.54
C ASP D 254 17.06 16.02 3.28
N ASN D 255 16.13 16.87 3.71
CA ASN D 255 14.87 16.44 4.36
C ASN D 255 13.66 16.41 3.40
N TYR D 256 13.90 16.48 2.11
CA TYR D 256 12.80 16.45 1.14
C TYR D 256 12.06 15.13 1.20
N PRO D 257 10.77 15.15 1.57
CA PRO D 257 10.01 13.91 1.58
C PRO D 257 9.70 13.39 0.19
N PHE D 258 9.67 12.07 0.02
CA PHE D 258 9.44 11.45 -1.28
C PHE D 258 8.13 11.86 -1.99
N ASP D 259 7.02 11.89 -1.27
CA ASP D 259 5.73 12.21 -1.93
C ASP D 259 5.75 13.67 -2.35
N LEU D 260 6.19 14.54 -1.47
CA LEU D 260 6.33 15.92 -1.83
C LEU D 260 7.28 16.11 -2.99
N LEU D 261 8.40 15.42 -2.98
CA LEU D 261 9.34 15.55 -4.08
C LEU D 261 8.64 15.21 -5.38
N ARG D 262 7.95 14.06 -5.42
CA ARG D 262 7.34 13.58 -6.67
C ARG D 262 6.38 14.60 -7.22
N PHE D 263 5.59 15.19 -6.36
CA PHE D 263 4.64 16.18 -6.79
C PHE D 263 5.22 17.51 -7.20
N GLN D 264 6.37 17.85 -6.63
CA GLN D 264 6.94 19.17 -6.85
C GLN D 264 8.13 19.24 -7.78
N LEU D 265 8.83 18.12 -7.98
CA LEU D 265 10.15 18.13 -8.62
C LEU D 265 10.18 18.89 -9.94
N SER D 266 9.17 18.68 -10.77
CA SER D 266 9.11 19.29 -12.11
C SER D 266 8.89 20.81 -12.13
N SER D 267 8.58 21.40 -10.97
CA SER D 267 8.31 22.83 -10.88
C SER D 267 9.27 23.42 -9.88
N LEU D 268 10.51 22.95 -9.92
CA LEU D 268 11.53 23.43 -9.00
C LEU D 268 12.13 24.74 -9.50
N ILE D 269 12.41 25.64 -8.55
CA ILE D 269 12.83 26.99 -8.86
C ILE D 269 14.35 27.05 -9.01
N SER D 270 14.81 28.03 -9.79
CA SER D 270 16.23 28.19 -10.07
C SER D 270 16.93 28.91 -8.94
N THR D 271 18.25 28.82 -8.93
CA THR D 271 19.07 29.42 -7.89
C THR D 271 18.86 30.94 -7.88
N PRO D 272 18.51 31.53 -6.72
CA PRO D 272 18.40 32.99 -6.66
C PRO D 272 19.73 33.72 -6.96
N THR D 273 19.64 34.86 -7.65
CA THR D 273 20.85 35.52 -8.18
C THR D 273 21.77 35.99 -7.06
N SER D 274 21.20 36.35 -5.91
CA SER D 274 22.02 36.70 -4.74
C SER D 274 22.85 35.52 -4.22
N ILE D 275 22.35 34.31 -4.41
CA ILE D 275 23.07 33.12 -4.00
C ILE D 275 24.13 32.81 -5.05
N LEU D 276 23.74 32.82 -6.33
CA LEU D 276 24.66 32.58 -7.45
C LEU D 276 25.90 33.41 -7.32
N GLU D 277 25.70 34.67 -6.93
CA GLU D 277 26.83 35.59 -6.83
C GLU D 277 27.59 35.40 -5.52
N ARG D 278 26.90 35.10 -4.43
CA ARG D 278 27.60 34.73 -3.21
C ARG D 278 28.48 33.49 -3.45
N ILE D 279 28.07 32.61 -4.37
CA ILE D 279 28.84 31.39 -4.69
C ILE D 279 30.12 31.76 -5.42
N THR D 280 29.98 32.53 -6.49
CA THR D 280 31.15 32.99 -7.29
C THR D 280 32.15 33.78 -6.43
N LYS D 281 31.66 34.51 -5.44
CA LYS D 281 32.52 35.27 -4.55
C LYS D 281 33.19 34.38 -3.48
N GLU D 282 32.58 33.26 -3.10
CA GLU D 282 33.05 32.53 -1.91
C GLU D 282 33.06 30.99 -1.95
N GLY D 283 32.64 30.37 -3.05
CA GLY D 283 32.95 28.95 -3.27
C GLY D 283 31.85 27.90 -3.42
N LEU D 284 30.98 27.76 -2.42
CA LEU D 284 30.04 26.59 -2.23
C LEU D 284 30.30 25.97 -0.88
N PHE D 285 31.58 25.84 -0.55
CA PHE D 285 31.96 25.32 0.74
C PHE D 285 32.60 26.40 1.58
N LYS D 286 32.40 26.29 2.90
CA LYS D 286 32.97 27.19 3.87
C LYS D 286 33.71 26.32 4.86
N ILE D 287 35.05 26.43 4.85
CA ILE D 287 35.87 25.57 5.70
C ILE D 287 35.92 26.20 7.09
N ILE D 288 35.79 25.35 8.12
CA ILE D 288 35.95 25.80 9.49
C ILE D 288 37.16 25.06 10.09
N THR D 289 38.17 25.85 10.46
CA THR D 289 39.55 25.38 10.55
C THR D 289 40.04 25.44 11.99
N THR D 300 35.99 20.14 9.43
CA THR D 300 34.54 20.45 9.44
C THR D 300 34.23 21.44 8.32
N VAL D 301 33.36 21.02 7.38
CA VAL D 301 32.97 21.85 6.24
C VAL D 301 31.47 22.12 6.20
N LEU D 302 31.12 23.37 5.89
CA LEU D 302 29.74 23.79 5.67
C LEU D 302 29.42 23.98 4.18
N PHE D 303 28.18 23.69 3.81
CA PHE D 303 27.72 23.75 2.43
C PHE D 303 26.87 25.00 2.27
N ARG D 304 27.00 25.68 1.13
CA ARG D 304 26.24 26.90 0.90
C ARG D 304 24.99 26.59 0.10
N GLY D 305 23.89 26.48 0.81
CA GLY D 305 22.65 25.99 0.20
C GLY D 305 22.00 26.94 -0.76
N ILE D 306 21.20 26.40 -1.66
CA ILE D 306 20.44 27.19 -2.59
C ILE D 306 19.53 28.25 -1.93
N ASN D 307 19.22 28.10 -0.65
CA ASN D 307 18.37 29.08 0.07
C ASN D 307 19.19 29.93 1.04
N GLY D 308 20.51 29.79 0.97
CA GLY D 308 21.42 30.52 1.82
C GLY D 308 21.65 29.87 3.16
N SER D 309 21.11 28.67 3.34
CA SER D 309 21.40 27.91 4.56
C SER D 309 22.88 27.54 4.55
N GLU D 310 23.42 27.12 5.68
CA GLU D 310 24.84 26.72 5.76
C GLU D 310 24.98 25.47 6.59
N SER D 311 24.44 24.40 6.05
CA SER D 311 24.37 23.11 6.74
C SER D 311 25.74 22.48 6.90
N PHE D 312 25.91 21.76 7.99
CA PHE D 312 27.07 20.92 8.20
C PHE D 312 26.92 19.63 7.40
N LEU D 313 27.95 19.25 6.65
CA LEU D 313 27.95 17.99 5.95
C LEU D 313 28.60 16.90 6.79
N ASN D 314 27.75 16.16 7.47
CA ASN D 314 28.20 15.05 8.28
C ASN D 314 28.46 13.77 7.49
N ILE D 315 29.20 12.84 8.11
CA ILE D 315 29.53 11.55 7.53
C ILE D 315 28.27 10.70 7.42
N LYS D 316 28.11 9.98 6.32
CA LYS D 316 26.99 9.02 6.18
C LYS D 316 27.55 7.60 6.14
N ARG D 317 26.80 6.66 6.73
CA ARG D 317 27.24 5.28 6.85
C ARG D 317 26.27 4.39 6.11
N TYR D 318 26.80 3.54 5.24
CA TYR D 318 25.99 2.63 4.47
C TYR D 318 26.39 1.21 4.78
N ARG D 319 25.41 0.30 4.81
CA ARG D 319 25.63 -1.12 5.12
C ARG D 319 24.97 -1.95 4.03
N ARG D 320 25.33 -3.24 3.93
CA ARG D 320 24.65 -4.15 3.02
C ARG D 320 23.22 -4.43 3.53
N PHE D 321 22.26 -4.50 2.63
CA PHE D 321 20.87 -4.70 3.04
C PHE D 321 20.59 -6.18 3.18
N ALA E 1 10.68 -23.91 1.52
CA ALA E 1 9.52 -24.85 1.46
C ALA E 1 9.00 -25.10 0.05
N ASP E 2 9.74 -24.63 -0.95
CA ASP E 2 9.31 -24.72 -2.35
C ASP E 2 9.26 -26.17 -2.79
N SER E 3 10.02 -27.03 -2.12
CA SER E 3 10.10 -28.44 -2.48
C SER E 3 9.08 -29.31 -1.74
N VAL E 4 8.43 -28.74 -0.71
CA VAL E 4 7.58 -29.54 0.18
C VAL E 4 6.41 -30.10 -0.59
N ILE E 5 6.11 -31.38 -0.37
CA ILE E 5 5.02 -32.03 -1.05
C ILE E 5 3.65 -31.48 -0.63
N LYS E 6 2.78 -31.23 -1.60
CA LYS E 6 1.43 -30.76 -1.36
C LYS E 6 0.50 -31.97 -1.20
N SER E 7 -0.60 -31.76 -0.46
CA SER E 7 -1.63 -32.76 -0.25
C SER E 7 -3.00 -32.13 -0.50
N ASP E 8 -3.89 -32.94 -1.07
CA ASP E 8 -5.26 -32.54 -1.33
C ASP E 8 -6.11 -33.16 -0.27
N PHE E 9 -6.61 -32.32 0.62
CA PHE E 9 -7.42 -32.81 1.71
C PHE E 9 -8.92 -32.66 1.44
N SER E 10 -9.28 -32.24 0.24
CA SER E 10 -10.69 -31.98 -0.10
C SER E 10 -11.59 -33.21 0.01
N SER E 11 -11.02 -34.42 0.07
CA SER E 11 -11.80 -35.65 0.13
C SER E 11 -11.70 -36.35 1.47
N LEU E 12 -11.14 -35.68 2.46
CA LEU E 12 -11.05 -36.24 3.80
C LEU E 12 -12.45 -36.44 4.35
N LYS E 13 -12.64 -37.48 5.14
CA LYS E 13 -13.94 -37.74 5.77
C LYS E 13 -14.15 -36.81 6.95
N LEU E 14 -14.72 -35.64 6.65
CA LEU E 14 -14.93 -34.59 7.62
C LEU E 14 -16.40 -34.34 7.94
N ASP E 15 -17.27 -35.31 7.61
CA ASP E 15 -18.72 -35.21 7.92
C ASP E 15 -19.36 -33.90 7.48
N VAL E 16 -18.95 -33.39 6.32
CA VAL E 16 -19.62 -32.22 5.73
C VAL E 16 -20.23 -32.56 4.38
N LEU F 1 -5.52 -8.77 0.49
CA LEU F 1 -5.80 -7.58 1.34
C LEU F 1 -6.90 -7.87 2.37
N GLU F 2 -8.15 -7.86 1.92
CA GLU F 2 -9.30 -8.11 2.79
C GLU F 2 -9.88 -9.51 2.57
N ARG F 3 -10.02 -9.91 1.31
CA ARG F 3 -10.79 -11.11 0.95
C ARG F 3 -9.99 -12.40 1.07
N ARG F 4 -10.55 -13.43 1.72
CA ARG F 4 -9.91 -14.75 1.77
C ARG F 4 -10.90 -15.89 1.86
N THR F 5 -10.56 -17.01 1.25
CA THR F 5 -11.45 -18.17 1.21
C THR F 5 -11.57 -18.80 2.63
N PHE F 6 -12.80 -19.17 2.97
CA PHE F 6 -13.25 -19.55 4.35
C PHE F 6 -12.39 -20.59 5.05
N GLY F 7 -11.83 -20.22 6.20
CA GLY F 7 -11.03 -21.15 6.98
C GLY F 7 -9.53 -21.00 6.79
N SER F 8 -9.14 -20.28 5.73
CA SER F 8 -7.74 -20.12 5.39
C SER F 8 -7.11 -19.16 6.34
N TYR F 9 -5.79 -19.28 6.48
CA TYR F 9 -5.00 -18.44 7.39
C TYR F 9 -3.93 -17.72 6.59
N LYS F 10 -3.28 -16.75 7.22
CA LYS F 10 -2.09 -16.12 6.66
C LYS F 10 -1.02 -16.18 7.71
N ILE F 11 0.23 -16.25 7.27
CA ILE F 11 1.38 -16.21 8.14
C ILE F 11 2.11 -14.91 7.86
N GLU F 12 2.31 -14.11 8.89
CA GLU F 12 2.94 -12.78 8.77
C GLU F 12 4.26 -12.86 9.53
N GLU F 13 5.12 -11.84 9.43
CA GLU F 13 6.43 -11.84 10.10
C GLU F 13 6.63 -10.69 11.10
N LEU F 14 6.67 -11.03 12.38
CA LEU F 14 7.08 -10.09 13.42
C LEU F 14 8.60 -10.10 13.43
N THR F 15 9.25 -9.00 13.85
CA THR F 15 10.71 -8.98 14.05
C THR F 15 11.14 -8.31 15.36
N ILE F 16 12.04 -8.96 16.09
CA ILE F 16 12.38 -8.56 17.47
C ILE F 16 13.89 -8.68 17.76
N LYS F 40 16.33 -11.14 13.66
CA LYS F 40 15.55 -12.09 14.46
C LYS F 40 14.06 -11.96 14.11
N LYS F 41 13.55 -12.89 13.31
CA LYS F 41 12.14 -12.88 12.88
C LYS F 41 11.33 -14.07 13.40
N ILE F 42 10.11 -13.81 13.87
CA ILE F 42 9.22 -14.89 14.28
C ILE F 42 7.90 -14.85 13.50
N PRO F 43 7.32 -16.03 13.20
CA PRO F 43 6.07 -16.04 12.47
C PRO F 43 4.88 -15.67 13.34
N LEU F 44 3.84 -15.13 12.69
CA LEU F 44 2.62 -14.72 13.37
C LEU F 44 1.44 -15.24 12.58
N LEU F 45 0.72 -16.17 13.19
CA LEU F 45 -0.38 -16.87 12.51
C LEU F 45 -1.63 -16.03 12.62
N ASP F 46 -2.23 -15.76 11.47
CA ASP F 46 -3.50 -15.07 11.42
C ASP F 46 -4.53 -16.15 11.09
N ASP F 47 -5.15 -16.68 12.14
CA ASP F 47 -6.05 -17.85 12.01
C ASP F 47 -7.43 -17.47 11.52
N GLY F 48 -7.77 -16.19 11.70
CA GLY F 48 -9.07 -15.66 11.28
C GLY F 48 -10.25 -16.09 12.12
N ILE F 49 -10.00 -16.64 13.30
CA ILE F 49 -11.08 -17.09 14.17
C ILE F 49 -11.83 -15.91 14.75
N PHE F 50 -11.11 -14.88 15.22
CA PHE F 50 -11.77 -13.69 15.73
C PHE F 50 -12.79 -13.15 14.73
N GLU F 51 -12.37 -12.99 13.49
CA GLU F 51 -13.21 -12.43 12.46
C GLU F 51 -14.45 -13.29 12.23
N LEU F 52 -14.30 -14.61 12.18
CA LEU F 52 -15.45 -15.50 12.07
C LEU F 52 -16.48 -15.25 13.17
N LEU F 53 -16.01 -15.23 14.39
CA LEU F 53 -16.89 -15.03 15.53
C LEU F 53 -17.59 -13.69 15.47
N ASN F 54 -16.82 -12.63 15.24
CA ASN F 54 -17.33 -11.27 15.13
C ASN F 54 -18.50 -11.18 14.16
N TYR F 55 -18.33 -11.77 12.98
CA TYR F 55 -19.39 -11.75 11.99
C TYR F 55 -20.65 -12.42 12.53
N LEU F 56 -20.49 -13.55 13.19
CA LEU F 56 -21.65 -14.30 13.71
C LEU F 56 -22.40 -13.51 14.77
N ILE F 57 -21.65 -12.79 15.61
CA ILE F 57 -22.21 -11.96 16.66
C ILE F 57 -23.02 -10.82 16.08
N ASP F 58 -22.47 -10.16 15.05
CA ASP F 58 -23.14 -9.08 14.34
C ASP F 58 -24.27 -9.53 13.43
N GLY F 59 -24.53 -10.83 13.34
CA GLY F 59 -25.56 -11.33 12.47
C GLY F 59 -25.27 -11.09 11.01
N THR F 60 -24.04 -10.71 10.70
CA THR F 60 -23.63 -10.36 9.33
C THR F 60 -23.89 -11.50 8.37
N ASN F 61 -24.27 -11.16 7.15
CA ASN F 61 -24.64 -12.19 6.19
C ASN F 61 -23.48 -12.50 5.29
N PHE F 62 -23.49 -13.73 4.76
CA PHE F 62 -22.32 -14.25 4.08
C PHE F 62 -21.81 -13.27 3.04
N ASN F 63 -22.72 -12.80 2.19
CA ASN F 63 -22.40 -11.87 1.12
C ASN F 63 -21.70 -10.57 1.55
N LYS F 64 -21.71 -10.23 2.84
CA LYS F 64 -21.04 -9.04 3.35
C LYS F 64 -19.77 -9.36 4.13
N THR F 65 -19.26 -10.59 4.01
CA THR F 65 -18.05 -11.02 4.72
C THR F 65 -16.84 -11.02 3.81
N CYS F 66 -15.65 -10.98 4.40
CA CYS F 66 -14.41 -11.23 3.64
C CYS F 66 -14.37 -12.55 2.87
N TYR F 67 -15.39 -13.39 3.03
CA TYR F 67 -15.37 -14.75 2.50
C TYR F 67 -16.10 -14.90 1.19
N CYS F 68 -16.80 -13.86 0.73
CA CYS F 68 -17.71 -14.03 -0.43
C CYS F 68 -16.97 -14.02 -1.76
N GLY F 69 -17.49 -14.76 -2.73
CA GLY F 69 -16.96 -14.71 -4.08
C GLY F 69 -15.75 -15.59 -4.36
N PHE F 70 -15.68 -16.72 -3.65
CA PHE F 70 -14.77 -17.81 -4.00
C PHE F 70 -15.65 -19.01 -4.32
N ASN F 71 -15.08 -20.02 -4.96
CA ASN F 71 -15.84 -21.22 -5.23
C ASN F 71 -15.89 -21.99 -3.94
N TYR F 72 -17.06 -22.52 -3.61
CA TYR F 72 -17.25 -23.22 -2.34
C TYR F 72 -17.89 -24.57 -2.57
N SER F 73 -17.52 -25.22 -3.66
CA SER F 73 -17.95 -26.60 -3.92
C SER F 73 -17.28 -27.60 -2.96
N HIS F 74 -16.07 -27.23 -2.50
CA HIS F 74 -15.37 -28.01 -1.45
C HIS F 74 -16.02 -27.90 -0.05
N LEU F 75 -16.77 -26.81 0.17
CA LEU F 75 -17.48 -26.56 1.42
C LEU F 75 -19.00 -26.53 1.22
N PRO F 76 -19.63 -27.72 1.09
CA PRO F 76 -21.08 -27.79 0.88
C PRO F 76 -21.91 -26.95 1.86
N ASN F 77 -22.84 -26.14 1.33
CA ASN F 77 -23.83 -25.36 2.10
C ASN F 77 -23.26 -24.21 2.95
N LEU F 78 -22.04 -23.79 2.64
CA LEU F 78 -21.41 -22.77 3.45
C LEU F 78 -22.33 -21.55 3.62
N GLU F 79 -22.79 -20.95 2.53
CA GLU F 79 -23.58 -19.70 2.61
C GLU F 79 -24.90 -19.89 3.38
N ARG F 80 -25.61 -20.96 3.05
CA ARG F 80 -26.88 -21.29 3.73
C ARG F 80 -26.69 -21.44 5.25
N ASP F 81 -25.91 -22.44 5.65
CA ASP F 81 -25.64 -22.70 7.07
C ASP F 81 -24.99 -21.53 7.75
N PHE F 82 -24.11 -20.81 7.05
CA PHE F 82 -23.52 -19.62 7.66
C PHE F 82 -24.60 -18.58 8.07
N ASN F 83 -25.59 -18.37 7.21
CA ASN F 83 -26.60 -17.32 7.45
C ASN F 83 -27.58 -17.77 8.55
N ILE F 84 -27.99 -19.03 8.51
CA ILE F 84 -28.75 -19.64 9.61
C ILE F 84 -28.03 -19.45 10.95
N ALA F 85 -26.76 -19.84 10.99
CA ALA F 85 -25.95 -19.70 12.18
C ALA F 85 -25.79 -18.24 12.59
N SER F 86 -25.59 -17.37 11.60
CA SER F 86 -25.40 -15.95 11.87
C SER F 86 -26.61 -15.33 12.56
N LEU F 87 -27.79 -15.77 12.14
CA LEU F 87 -29.02 -15.27 12.71
C LEU F 87 -29.15 -15.77 14.14
N TYR F 88 -28.99 -17.07 14.30
CA TYR F 88 -29.11 -17.72 15.61
C TYR F 88 -28.14 -17.17 16.64
N VAL F 89 -26.93 -16.86 16.24
CA VAL F 89 -25.98 -16.28 17.18
C VAL F 89 -26.40 -14.85 17.50
N ARG F 90 -26.81 -14.11 16.47
CA ARG F 90 -27.23 -12.71 16.63
C ARG F 90 -28.38 -12.58 17.62
N GLU F 91 -29.41 -13.38 17.42
CA GLU F 91 -30.57 -13.38 18.30
C GLU F 91 -30.18 -13.72 19.74
N ASN F 92 -29.32 -14.73 19.93
CA ASN F 92 -28.86 -15.11 21.26
C ASN F 92 -28.10 -13.98 21.93
N PHE F 93 -27.21 -13.35 21.16
CA PHE F 93 -26.50 -12.19 21.66
C PHE F 93 -27.49 -11.16 22.18
N GLU F 94 -28.47 -10.80 21.35
CA GLU F 94 -29.47 -9.79 21.69
C GLU F 94 -30.22 -10.15 22.97
N ILE F 95 -30.68 -11.39 23.08
CA ILE F 95 -31.30 -11.88 24.30
C ILE F 95 -30.39 -11.68 25.53
N CYS F 96 -29.10 -12.00 25.42
CA CYS F 96 -28.17 -11.83 26.54
C CYS F 96 -27.86 -10.36 26.82
N THR F 97 -28.07 -9.48 25.84
CA THR F 97 -27.75 -8.06 26.01
C THR F 97 -28.97 -7.12 26.12
N ASP F 98 -30.17 -7.63 25.87
CA ASP F 98 -31.38 -6.81 26.05
C ASP F 98 -31.53 -6.42 27.52
N GLN F 99 -31.13 -7.31 28.42
CA GLN F 99 -31.17 -7.04 29.87
C GLN F 99 -29.96 -6.24 30.39
N LEU F 100 -29.25 -5.58 29.49
CA LEU F 100 -28.16 -4.67 29.86
C LEU F 100 -28.32 -3.37 29.10
N ASP F 101 -27.89 -2.27 29.72
CA ASP F 101 -27.79 -0.99 29.04
C ASP F 101 -26.37 -0.84 28.54
N LEU F 102 -26.21 -0.82 27.20
CA LEU F 102 -24.91 -0.74 26.55
C LEU F 102 -24.82 0.46 25.60
N ALA F 103 -25.70 1.43 25.77
CA ALA F 103 -25.72 2.62 24.91
C ALA F 103 -24.47 3.48 25.13
N ASN F 104 -23.98 3.52 26.36
CA ASN F 104 -22.76 4.28 26.70
C ASN F 104 -21.44 3.57 26.33
N TYR F 105 -21.51 2.26 26.06
CA TYR F 105 -20.33 1.40 25.99
C TYR F 105 -19.90 1.01 24.57
N VAL F 106 -18.68 0.47 24.45
CA VAL F 106 -18.19 -0.18 23.22
C VAL F 106 -17.57 -1.56 23.45
N ARG F 107 -17.96 -2.50 22.58
CA ARG F 107 -17.41 -3.84 22.56
C ARG F 107 -15.95 -3.77 22.15
N GLN F 108 -15.06 -4.27 23.01
CA GLN F 108 -13.65 -4.32 22.68
C GLN F 108 -13.41 -5.33 21.57
N PRO F 109 -12.30 -5.20 20.83
CA PRO F 109 -12.01 -6.15 19.77
C PRO F 109 -11.31 -7.42 20.31
N ASN F 110 -11.89 -7.99 21.38
CA ASN F 110 -11.37 -9.16 22.05
C ASN F 110 -12.55 -10.08 22.26
N ILE F 111 -12.41 -11.30 21.78
CA ILE F 111 -13.40 -12.32 22.03
C ILE F 111 -12.64 -13.47 22.63
N SER F 112 -13.23 -14.08 23.66
CA SER F 112 -12.67 -15.27 24.27
C SER F 112 -13.61 -16.42 24.01
N ILE F 113 -13.10 -17.66 24.09
CA ILE F 113 -13.94 -18.84 24.04
C ILE F 113 -13.58 -19.70 25.21
N LYS F 114 -14.57 -20.08 25.98
CA LYS F 114 -14.44 -21.04 27.04
C LYS F 114 -15.01 -22.31 26.50
N SER F 115 -14.49 -23.44 26.94
CA SER F 115 -14.89 -24.73 26.45
C SER F 115 -15.45 -25.52 27.62
N PRO F 116 -16.24 -26.56 27.35
CA PRO F 116 -16.66 -27.13 26.10
C PRO F 116 -18.05 -26.75 25.62
N ASP F 117 -18.61 -25.68 26.15
CA ASP F 117 -19.95 -25.25 25.70
C ASP F 117 -19.88 -24.23 24.55
N PHE F 118 -18.66 -24.00 24.07
CA PHE F 118 -18.36 -22.96 23.11
C PHE F 118 -18.95 -21.63 23.59
N THR F 119 -18.44 -21.20 24.73
CA THR F 119 -18.93 -20.02 25.39
C THR F 119 -18.14 -18.84 24.93
N VAL F 120 -18.76 -18.03 24.08
CA VAL F 120 -18.14 -16.82 23.57
C VAL F 120 -18.33 -15.71 24.59
N CYS F 121 -17.24 -15.05 24.97
CA CYS F 121 -17.23 -14.01 26.00
C CYS F 121 -16.76 -12.67 25.44
N LEU F 122 -17.60 -11.64 25.58
CA LEU F 122 -17.27 -10.29 25.10
C LEU F 122 -16.98 -9.38 26.27
N GLU F 123 -16.14 -8.37 26.07
CA GLU F 123 -15.99 -7.31 27.09
C GLU F 123 -16.30 -5.91 26.54
N TYR F 124 -17.15 -5.19 27.28
CA TYR F 124 -17.58 -3.85 26.92
C TYR F 124 -16.93 -2.83 27.85
N VAL F 125 -16.56 -1.67 27.31
CA VAL F 125 -16.07 -0.53 28.10
C VAL F 125 -16.73 0.78 27.64
N LEU F 126 -16.77 1.77 28.53
CA LEU F 126 -17.41 3.05 28.23
C LEU F 126 -16.70 3.87 27.15
N LYS F 127 -17.48 4.49 26.26
CA LYS F 127 -16.95 5.35 25.18
C LYS F 127 -16.08 6.46 25.78
N THR F 128 -16.41 6.88 27.00
CA THR F 128 -15.60 7.81 27.79
C THR F 128 -14.16 7.30 28.01
N VAL F 129 -14.02 6.08 28.53
CA VAL F 129 -12.71 5.54 28.89
C VAL F 129 -11.82 5.19 27.67
N VAL F 130 -12.42 4.75 26.57
CA VAL F 130 -11.66 4.24 25.40
C VAL F 130 -10.81 5.32 24.68
N GLN F 157 -19.74 -0.41 36.33
CA GLN F 157 -20.00 0.76 35.49
C GLN F 157 -18.91 0.99 34.42
N GLU F 158 -17.65 0.77 34.78
CA GLU F 158 -16.52 0.99 33.85
C GLU F 158 -16.52 -0.03 32.70
N THR F 159 -16.42 -1.32 33.05
CA THR F 159 -16.45 -2.43 32.08
C THR F 159 -17.57 -3.44 32.40
N LYS F 160 -18.14 -4.04 31.37
CA LYS F 160 -19.17 -5.07 31.52
C LYS F 160 -18.86 -6.30 30.64
N PHE F 161 -19.25 -7.48 31.13
CA PHE F 161 -18.96 -8.76 30.48
C PHE F 161 -20.25 -9.50 30.10
N VAL F 162 -20.22 -10.22 28.98
CA VAL F 162 -21.37 -11.03 28.58
C VAL F 162 -20.88 -12.36 27.97
N GLU F 163 -21.55 -13.46 28.31
CA GLU F 163 -21.20 -14.80 27.85
C GLU F 163 -22.42 -15.49 27.26
N MET F 164 -22.27 -16.08 26.09
CA MET F 164 -23.33 -16.89 25.48
C MET F 164 -22.69 -18.22 25.12
N SER F 165 -23.24 -19.30 25.63
CA SER F 165 -22.82 -20.61 25.24
C SER F 165 -23.56 -20.95 23.98
N LEU F 166 -22.86 -20.98 22.85
CA LEU F 166 -23.51 -21.24 21.58
C LEU F 166 -23.86 -22.71 21.41
N LEU F 167 -23.02 -23.59 21.99
CA LEU F 167 -23.21 -25.04 21.85
C LEU F 167 -23.07 -25.70 23.19
N PRO F 168 -24.06 -25.50 24.08
CA PRO F 168 -24.00 -26.03 25.45
C PRO F 168 -24.02 -27.56 25.44
N LEU F 169 -23.11 -28.15 26.19
CA LEU F 169 -22.85 -29.60 26.15
C LEU F 169 -23.00 -30.30 27.51
N LEU F 170 -22.60 -29.62 28.58
CA LEU F 170 -22.68 -30.17 29.94
C LEU F 170 -24.11 -30.30 30.51
N ASN F 171 -24.96 -29.28 30.29
CA ASN F 171 -26.34 -29.30 30.81
C ASN F 171 -27.37 -28.87 29.76
N ARG F 172 -28.04 -29.86 29.18
CA ARG F 172 -29.03 -29.63 28.14
C ARG F 172 -30.40 -30.17 28.56
N GLU F 173 -31.44 -29.76 27.85
CA GLU F 173 -32.81 -30.17 28.15
C GLU F 173 -33.17 -31.46 27.43
N GLU F 175 -33.17 -32.91 24.80
CA GLU F 175 -33.71 -32.87 23.44
C GLU F 175 -35.18 -32.45 23.42
N GLU F 176 -35.99 -33.09 24.26
CA GLU F 176 -37.45 -32.94 24.26
C GLU F 176 -38.00 -31.53 24.50
N SER F 177 -37.32 -30.73 25.32
CA SER F 177 -37.79 -29.39 25.69
C SER F 177 -37.06 -28.25 24.96
N LEU F 178 -36.80 -28.45 23.67
CA LEU F 178 -35.99 -27.53 22.85
C LEU F 178 -36.63 -27.27 21.48
N THR F 179 -36.77 -26.00 21.12
CA THR F 179 -37.45 -25.64 19.87
C THR F 179 -36.69 -26.16 18.66
N GLU F 180 -37.33 -26.11 17.50
CA GLU F 180 -36.68 -26.43 16.25
C GLU F 180 -35.69 -25.32 15.90
N GLU F 181 -36.07 -24.07 16.19
CA GLU F 181 -35.21 -22.91 15.96
C GLU F 181 -33.82 -23.12 16.57
N ILE F 182 -33.79 -23.63 17.79
CA ILE F 182 -32.54 -23.85 18.55
C ILE F 182 -31.74 -25.05 18.03
N LEU F 183 -32.39 -26.18 17.82
CA LEU F 183 -31.72 -27.33 17.22
C LEU F 183 -31.21 -27.06 15.81
N GLU F 184 -31.91 -26.23 15.06
CA GLU F 184 -31.50 -25.91 13.70
C GLU F 184 -30.34 -24.90 13.73
N GLY F 185 -30.39 -23.97 14.67
CA GLY F 185 -29.34 -22.96 14.83
C GLY F 185 -28.04 -23.59 15.28
N GLU F 186 -28.13 -24.49 16.24
CA GLU F 186 -26.97 -25.19 16.75
C GLU F 186 -26.34 -26.04 15.66
N GLY F 187 -27.17 -26.81 14.95
CA GLY F 187 -26.70 -27.68 13.87
C GLY F 187 -26.00 -26.92 12.77
N ALA F 188 -26.45 -25.68 12.55
CA ALA F 188 -25.84 -24.79 11.59
C ALA F 188 -24.50 -24.25 12.09
N VAL F 189 -24.47 -23.80 13.35
CA VAL F 189 -23.19 -23.37 13.96
C VAL F 189 -22.12 -24.46 13.89
N VAL F 190 -22.49 -25.68 14.24
CA VAL F 190 -21.55 -26.79 14.24
C VAL F 190 -21.05 -27.08 12.83
N ASN F 191 -21.94 -26.99 11.84
CA ASN F 191 -21.54 -27.28 10.47
C ASN F 191 -20.61 -26.20 9.93
N VAL F 192 -20.88 -24.96 10.26
CA VAL F 192 -19.99 -23.86 9.94
C VAL F 192 -18.58 -24.06 10.52
N LEU F 193 -18.50 -24.54 11.75
CA LEU F 193 -17.24 -24.81 12.40
C LEU F 193 -16.51 -25.94 11.68
N LYS F 194 -17.24 -26.97 11.28
CA LYS F 194 -16.65 -28.06 10.54
C LYS F 194 -16.10 -27.61 9.19
N LEU F 195 -16.81 -26.70 8.55
CA LEU F 195 -16.42 -26.19 7.28
C LEU F 195 -15.21 -25.31 7.44
N PHE F 196 -15.17 -24.55 8.51
CA PHE F 196 -14.01 -23.70 8.77
C PHE F 196 -12.76 -24.56 8.89
N ILE F 197 -12.88 -25.66 9.62
CA ILE F 197 -11.75 -26.54 9.83
C ILE F 197 -11.34 -27.20 8.50
N LYS F 198 -12.31 -27.59 7.68
CA LYS F 198 -11.99 -28.15 6.36
C LYS F 198 -11.26 -27.15 5.49
N GLY F 199 -11.68 -25.91 5.57
CA GLY F 199 -11.04 -24.83 4.87
C GLY F 199 -9.63 -24.67 5.35
N PHE F 200 -9.44 -24.62 6.66
CA PHE F 200 -8.11 -24.57 7.24
C PHE F 200 -7.24 -25.71 6.72
N LEU F 201 -7.74 -26.92 6.74
CA LEU F 201 -6.92 -28.08 6.40
C LEU F 201 -6.52 -28.08 4.94
N MET F 202 -7.44 -27.65 4.09
CA MET F 202 -7.19 -27.59 2.65
C MET F 202 -6.18 -26.54 2.29
N HIS F 203 -6.29 -25.37 2.90
CA HIS F 203 -5.27 -24.37 2.74
C HIS F 203 -3.91 -24.88 3.21
N LEU F 204 -3.87 -25.56 4.35
CA LEU F 204 -2.61 -26.08 4.90
C LEU F 204 -1.97 -27.07 3.92
N GLY F 205 -2.78 -27.96 3.41
CA GLY F 205 -2.33 -28.97 2.47
C GLY F 205 -1.72 -28.39 1.21
N GLU F 206 -2.27 -27.28 0.71
CA GLU F 206 -1.83 -26.71 -0.58
C GLU F 206 -0.74 -25.67 -0.41
N ASN F 207 -0.46 -25.20 0.80
CA ASN F 207 0.43 -24.06 0.96
C ASN F 207 1.55 -24.18 1.94
N PRO F 208 2.52 -25.08 1.64
CA PRO F 208 3.70 -25.15 2.49
C PRO F 208 4.36 -23.82 2.73
N ASN F 209 4.98 -23.69 3.87
CA ASN F 209 5.63 -22.47 4.28
C ASN F 209 6.71 -22.92 5.26
N SER F 210 7.83 -22.21 5.29
CA SER F 210 8.98 -22.67 6.06
C SER F 210 8.81 -22.38 7.53
N TYR F 211 7.80 -21.57 7.87
CA TYR F 211 7.45 -21.38 9.28
C TYR F 211 6.49 -22.44 9.82
N ASP F 212 6.01 -23.33 8.96
CA ASP F 212 5.10 -24.39 9.40
C ASP F 212 5.59 -25.14 10.65
N ARG F 213 6.89 -25.47 10.66
CA ARG F 213 7.47 -26.29 11.71
C ARG F 213 7.30 -25.68 13.05
N GLN F 214 7.12 -24.37 13.08
CA GLN F 214 6.92 -23.64 14.34
C GLN F 214 5.47 -23.28 14.63
N LEU F 215 4.53 -23.75 13.84
CA LEU F 215 3.14 -23.41 14.12
C LEU F 215 2.30 -24.65 14.47
N THR F 216 1.31 -24.49 15.34
CA THR F 216 0.49 -25.63 15.74
C THR F 216 -0.96 -25.29 15.67
N VAL F 217 -1.81 -26.31 15.78
CA VAL F 217 -3.27 -26.14 15.71
C VAL F 217 -3.90 -25.69 17.02
N GLU F 218 -3.05 -25.28 17.95
CA GLU F 218 -3.43 -24.82 19.28
C GLU F 218 -4.71 -23.96 19.37
N LYS F 219 -4.84 -22.95 18.53
CA LYS F 219 -5.91 -21.97 18.67
C LYS F 219 -7.24 -22.45 18.15
N TYR F 220 -7.21 -23.53 17.37
CA TYR F 220 -8.42 -24.13 16.84
C TYR F 220 -9.09 -25.07 17.83
N ARG F 221 -8.49 -25.26 18.99
CA ARG F 221 -8.98 -26.30 19.91
C ARG F 221 -10.48 -26.16 20.28
N PRO F 222 -10.94 -24.96 20.70
CA PRO F 222 -12.33 -24.87 21.16
C PRO F 222 -13.29 -25.24 20.06
N LEU F 223 -12.99 -24.86 18.82
CA LEU F 223 -13.84 -25.28 17.73
C LEU F 223 -13.86 -26.80 17.65
N LEU F 224 -12.68 -27.41 17.70
CA LEU F 224 -12.56 -28.85 17.52
C LEU F 224 -13.25 -29.64 18.62
N VAL F 225 -13.06 -29.21 19.85
CA VAL F 225 -13.72 -29.83 20.99
C VAL F 225 -15.24 -29.78 20.86
N SER F 226 -15.78 -28.62 20.51
CA SER F 226 -17.23 -28.49 20.32
C SER F 226 -17.74 -29.31 19.15
N ILE F 227 -16.98 -29.40 18.08
CA ILE F 227 -17.39 -30.25 16.95
C ILE F 227 -17.53 -31.67 17.42
N VAL F 228 -16.50 -32.19 18.11
CA VAL F 228 -16.54 -33.57 18.56
C VAL F 228 -17.62 -33.75 19.65
N GLY F 229 -17.62 -32.87 20.63
CA GLY F 229 -18.59 -32.96 21.73
C GLY F 229 -20.05 -32.94 21.29
N TYR F 230 -20.41 -31.99 20.43
CA TYR F 230 -21.78 -31.86 19.99
C TYR F 230 -22.18 -33.07 19.16
N GLU F 231 -21.34 -33.50 18.21
CA GLU F 231 -21.71 -34.65 17.35
C GLU F 231 -21.88 -35.89 18.19
N TYR F 232 -21.14 -36.01 19.27
CA TYR F 232 -21.22 -37.20 20.07
C TYR F 232 -22.49 -37.12 20.91
N LEU F 233 -22.56 -36.13 21.80
CA LEU F 233 -23.64 -36.02 22.77
C LEU F 233 -25.00 -35.64 22.16
N VAL F 234 -25.03 -35.35 20.86
CA VAL F 234 -26.29 -35.11 20.16
C VAL F 234 -26.16 -35.41 18.66
N GLY F 235 -27.26 -35.80 18.02
CA GLY F 235 -27.26 -36.06 16.58
C GLY F 235 -27.07 -34.80 15.76
N LYS F 242 -21.35 -41.27 17.25
CA LYS F 242 -20.07 -41.52 16.56
C LYS F 242 -19.07 -40.37 16.69
N ILE F 243 -17.79 -40.67 16.44
CA ILE F 243 -16.67 -39.75 16.63
C ILE F 243 -15.75 -39.71 15.42
N ASN F 244 -15.55 -38.53 14.85
CA ASN F 244 -14.64 -38.36 13.74
C ASN F 244 -13.21 -38.30 14.23
N HIS F 245 -12.41 -39.24 13.78
CA HIS F 245 -11.06 -39.39 14.32
C HIS F 245 -10.15 -38.19 13.98
N ILE F 246 -10.40 -37.54 12.85
CA ILE F 246 -9.58 -36.41 12.46
C ILE F 246 -9.80 -35.31 13.48
N TYR F 247 -11.05 -34.88 13.63
CA TYR F 247 -11.40 -33.85 14.62
C TYR F 247 -10.89 -34.22 16.00
N TYR F 248 -11.08 -35.47 16.41
CA TYR F 248 -10.67 -35.91 17.74
C TYR F 248 -9.14 -35.88 17.92
N GLN F 249 -8.39 -36.22 16.88
CA GLN F 249 -6.90 -36.16 16.94
C GLN F 249 -6.43 -34.73 17.15
N LEU F 250 -7.01 -33.81 16.40
CA LEU F 250 -6.60 -32.43 16.46
C LEU F 250 -7.00 -31.74 17.75
N ALA F 251 -8.14 -32.13 18.31
CA ALA F 251 -8.62 -31.60 19.60
C ALA F 251 -7.77 -32.14 20.70
N THR F 252 -7.44 -33.43 20.60
CA THR F 252 -6.56 -34.05 21.61
C THR F 252 -5.19 -33.41 21.55
N PHE F 253 -4.56 -33.40 20.38
CA PHE F 253 -3.13 -32.98 20.22
C PHE F 253 -3.09 -31.56 19.69
N ASP F 254 -3.46 -30.64 20.54
CA ASP F 254 -3.43 -29.22 20.17
C ASP F 254 -2.02 -28.71 19.90
N ASN F 255 -1.00 -29.55 20.10
CA ASN F 255 0.39 -29.22 19.79
C ASN F 255 0.84 -29.78 18.42
N TYR F 256 -0.10 -30.20 17.58
CA TYR F 256 0.25 -30.77 16.27
C TYR F 256 0.88 -29.70 15.39
N PRO F 257 2.15 -29.88 15.02
CA PRO F 257 2.77 -28.91 14.13
C PRO F 257 2.19 -28.98 12.72
N PHE F 258 2.12 -27.84 12.04
CA PHE F 258 1.60 -27.76 10.65
C PHE F 258 2.29 -28.65 9.60
N ASP F 259 3.61 -28.70 9.61
CA ASP F 259 4.32 -29.51 8.59
C ASP F 259 4.08 -30.98 8.87
N LEU F 260 4.20 -31.35 10.14
CA LEU F 260 3.89 -32.72 10.50
C LEU F 260 2.49 -33.08 10.18
N LEU F 261 1.55 -32.19 10.49
CA LEU F 261 0.15 -32.50 10.22
C LEU F 261 -0.02 -32.80 8.75
N ARG F 262 0.51 -31.92 7.90
CA ARG F 262 0.29 -32.06 6.45
C ARG F 262 0.77 -33.39 5.98
N PHE F 263 1.91 -33.81 6.47
CA PHE F 263 2.50 -35.07 6.02
C PHE F 263 1.77 -36.26 6.54
N GLN F 264 1.14 -36.12 7.69
CA GLN F 264 0.57 -37.27 8.37
C GLN F 264 -0.94 -37.42 8.33
N LEU F 265 -1.63 -36.31 8.08
CA LEU F 265 -3.09 -36.23 8.28
C LEU F 265 -3.84 -37.37 7.61
N SER F 266 -3.47 -37.67 6.36
CA SER F 266 -4.15 -38.67 5.56
C SER F 266 -3.99 -40.11 6.03
N SER F 267 -3.10 -40.35 6.98
CA SER F 267 -2.86 -41.69 7.50
C SER F 267 -3.11 -41.70 8.97
N LEU F 268 -4.14 -41.00 9.40
CA LEU F 268 -4.45 -40.89 10.82
C LEU F 268 -5.22 -42.11 11.31
N ILE F 269 -4.90 -42.54 12.53
CA ILE F 269 -5.44 -43.77 13.08
C ILE F 269 -6.77 -43.53 13.77
N SER F 270 -7.59 -44.58 13.81
CA SER F 270 -8.93 -44.50 14.40
C SER F 270 -8.85 -44.61 15.91
N THR F 271 -9.95 -44.24 16.56
CA THR F 271 -10.02 -44.26 18.01
C THR F 271 -9.85 -45.70 18.53
N PRO F 272 -8.91 -45.92 19.46
CA PRO F 272 -8.76 -47.26 20.02
C PRO F 272 -10.04 -47.71 20.75
N THR F 273 -10.36 -49.00 20.63
CA THR F 273 -11.63 -49.50 21.15
C THR F 273 -11.72 -49.35 22.68
N SER F 274 -10.58 -49.43 23.38
CA SER F 274 -10.58 -49.19 24.82
C SER F 274 -10.98 -47.77 25.17
N ILE F 275 -10.69 -46.84 24.27
CA ILE F 275 -11.03 -45.43 24.49
C ILE F 275 -12.52 -45.22 24.15
N LEU F 276 -12.93 -45.72 22.99
CA LEU F 276 -14.34 -45.68 22.57
C LEU F 276 -15.27 -46.14 23.67
N GLU F 277 -14.88 -47.22 24.36
CA GLU F 277 -15.72 -47.77 25.40
C GLU F 277 -15.58 -46.98 26.69
N ARG F 278 -14.39 -46.48 27.01
CA ARG F 278 -14.25 -45.59 28.16
C ARG F 278 -15.10 -44.32 27.96
N ILE F 279 -15.30 -43.90 26.70
CA ILE F 279 -16.13 -42.73 26.39
C ILE F 279 -17.60 -43.01 26.67
N THR F 280 -18.10 -44.11 26.11
CA THR F 280 -19.50 -44.54 26.33
C THR F 280 -19.82 -44.78 27.82
N LYS F 281 -18.83 -45.21 28.59
CA LYS F 281 -19.02 -45.39 30.02
C LYS F 281 -18.94 -44.09 30.82
N GLU F 282 -18.23 -43.07 30.32
CA GLU F 282 -17.94 -41.90 31.17
C GLU F 282 -17.98 -40.50 30.53
N GLY F 283 -18.28 -40.39 29.23
CA GLY F 283 -18.66 -39.09 28.66
C GLY F 283 -17.87 -38.44 27.53
N LEU F 284 -16.57 -38.19 27.75
CA LEU F 284 -15.70 -37.26 26.93
C LEU F 284 -15.15 -36.19 27.83
N PHE F 285 -15.99 -35.65 28.69
CA PHE F 285 -15.56 -34.65 29.63
C PHE F 285 -15.58 -35.22 31.03
N LYS F 286 -14.66 -34.72 31.85
CA LYS F 286 -14.55 -35.07 33.25
C LYS F 286 -14.60 -33.76 34.03
N ILE F 287 -15.67 -33.54 34.78
CA ILE F 287 -15.86 -32.28 35.48
C ILE F 287 -15.09 -32.35 36.78
N ILE F 288 -14.40 -31.27 37.13
CA ILE F 288 -13.73 -31.17 38.42
C ILE F 288 -14.37 -30.00 39.19
N THR F 289 -14.97 -30.34 40.33
CA THR F 289 -16.03 -29.55 40.92
C THR F 289 -15.57 -28.97 42.26
N THR F 300 -13.80 -25.97 36.09
CA THR F 300 -12.65 -26.63 35.47
C THR F 300 -13.04 -27.99 34.86
N VAL F 301 -12.89 -28.13 33.54
CA VAL F 301 -13.22 -29.37 32.82
C VAL F 301 -12.01 -29.98 32.10
N LEU F 302 -11.91 -31.30 32.21
CA LEU F 302 -10.92 -32.09 31.49
C LEU F 302 -11.52 -32.85 30.30
N PHE F 303 -10.72 -33.00 29.24
CA PHE F 303 -11.15 -33.63 27.98
C PHE F 303 -10.54 -35.03 27.93
N ARG F 304 -11.29 -35.98 27.43
CA ARG F 304 -10.83 -37.34 27.35
C ARG F 304 -10.29 -37.58 25.96
N GLY F 305 -8.97 -37.54 25.85
CA GLY F 305 -8.32 -37.58 24.57
C GLY F 305 -8.37 -38.93 23.90
N ILE F 306 -8.24 -38.92 22.58
CA ILE F 306 -8.14 -40.13 21.80
C ILE F 306 -6.99 -41.07 22.24
N ASN F 307 -6.01 -40.57 22.99
CA ASN F 307 -4.88 -41.44 23.46
C ASN F 307 -5.01 -41.75 24.96
N GLY F 308 -6.14 -41.36 25.54
CA GLY F 308 -6.35 -41.52 26.98
C GLY F 308 -5.77 -40.41 27.83
N SER F 309 -5.21 -39.39 27.19
CA SER F 309 -4.75 -38.23 27.95
C SER F 309 -5.99 -37.53 28.57
N GLU F 310 -5.77 -36.62 29.51
CA GLU F 310 -6.86 -35.89 30.15
C GLU F 310 -6.49 -34.43 30.33
N SER F 311 -6.38 -33.76 29.21
CA SER F 311 -5.92 -32.39 29.18
C SER F 311 -6.96 -31.42 29.76
N PHE F 312 -6.47 -30.35 30.36
CA PHE F 312 -7.31 -29.24 30.77
C PHE F 312 -7.65 -28.36 29.59
N LEU F 313 -8.93 -28.05 29.40
CA LEU F 313 -9.36 -27.10 28.35
C LEU F 313 -9.44 -25.66 28.85
N ASN F 314 -8.36 -24.94 28.63
CA ASN F 314 -8.24 -23.56 29.06
C ASN F 314 -8.87 -22.60 28.08
N ILE F 315 -9.12 -21.38 28.56
CA ILE F 315 -9.78 -20.34 27.80
C ILE F 315 -8.83 -19.90 26.71
N LYS F 316 -9.35 -19.61 25.52
CA LYS F 316 -8.53 -19.04 24.46
C LYS F 316 -9.01 -17.63 24.16
N ARG F 317 -8.07 -16.75 23.83
CA ARG F 317 -8.37 -15.33 23.57
C ARG F 317 -8.00 -14.97 22.16
N TYR F 318 -8.94 -14.40 21.44
CA TYR F 318 -8.75 -14.03 20.05
C TYR F 318 -8.91 -12.52 19.93
N ARG F 319 -8.11 -11.90 19.05
CA ARG F 319 -8.15 -10.46 18.81
C ARG F 319 -8.22 -10.22 17.30
N ARG F 320 -8.57 -9.00 16.89
CA ARG F 320 -8.56 -8.64 15.46
C ARG F 320 -7.11 -8.53 15.00
N PHE F 321 -6.82 -9.01 13.79
CA PHE F 321 -5.45 -8.98 13.31
C PHE F 321 -5.13 -7.64 12.67
N ALA G 1 21.33 30.11 10.60
CA ALA G 1 20.27 30.51 9.62
C ALA G 1 20.28 31.99 9.29
N ASP G 2 21.31 32.71 9.72
CA ASP G 2 21.39 34.16 9.50
C ASP G 2 21.53 34.48 8.01
N SER G 3 22.01 33.50 7.24
CA SER G 3 22.23 33.66 5.81
C SER G 3 21.03 33.24 4.96
N VAL G 4 20.03 32.63 5.59
CA VAL G 4 18.88 32.13 4.84
C VAL G 4 18.09 33.30 4.29
N ILE G 5 17.65 33.18 3.05
CA ILE G 5 16.84 34.21 2.41
C ILE G 5 15.44 34.32 2.98
N LYS G 6 15.00 35.53 3.24
CA LYS G 6 13.67 35.79 3.77
C LYS G 6 12.70 35.98 2.60
N SER G 7 11.42 35.72 2.84
CA SER G 7 10.36 35.87 1.83
C SER G 7 9.21 36.63 2.44
N ASP G 8 8.57 37.45 1.61
CA ASP G 8 7.41 38.22 2.02
C ASP G 8 6.21 37.51 1.49
N PHE G 9 5.44 36.91 2.38
CA PHE G 9 4.26 36.17 1.96
C PHE G 9 2.97 36.97 2.13
N SER G 10 3.09 38.24 2.47
CA SER G 10 1.90 39.09 2.69
C SER G 10 0.98 39.24 1.47
N SER G 11 1.46 38.93 0.26
CA SER G 11 0.69 39.13 -0.97
C SER G 11 0.26 37.80 -1.62
N LEU G 12 0.44 36.71 -0.90
CA LEU G 12 0.02 35.41 -1.40
C LEU G 12 -1.50 35.41 -1.54
N LYS G 13 -1.99 34.69 -2.54
CA LYS G 13 -3.44 34.62 -2.77
C LYS G 13 -4.07 33.65 -1.79
N LEU G 14 -4.46 34.18 -0.63
CA LEU G 14 -5.00 33.42 0.45
C LEU G 14 -6.49 33.67 0.72
N ASP G 15 -7.19 34.28 -0.26
CA ASP G 15 -8.64 34.55 -0.15
C ASP G 15 -9.04 35.24 1.15
N VAL G 16 -8.21 36.16 1.62
CA VAL G 16 -8.57 37.02 2.75
C VAL G 16 -8.60 38.50 2.35
N LEU H 1 7.23 38.09 25.56
CA LEU H 1 6.71 37.47 26.81
C LEU H 1 5.29 36.89 26.59
N GLU H 2 4.29 37.77 26.57
CA GLU H 2 2.89 37.37 26.41
C GLU H 2 2.39 37.69 25.00
N ARG H 3 2.71 38.88 24.52
CA ARG H 3 2.06 39.43 23.31
C ARG H 3 2.73 38.97 22.03
N ARG H 4 1.92 38.50 21.07
CA ARG H 4 2.47 38.13 19.75
C ARG H 4 1.46 38.34 18.62
N THR H 5 1.97 38.69 17.44
CA THR H 5 1.12 38.97 16.31
C THR H 5 0.46 37.66 15.81
N PHE H 6 -0.83 37.76 15.48
CA PHE H 6 -1.74 36.62 15.21
C PHE H 6 -1.23 35.57 14.21
N GLY H 7 -1.10 34.32 14.65
CA GLY H 7 -0.68 33.25 13.77
C GLY H 7 0.78 32.90 13.90
N SER H 8 1.54 33.79 14.53
CA SER H 8 2.98 33.60 14.64
C SER H 8 3.23 32.53 15.65
N TYR H 9 4.42 31.94 15.55
CA TYR H 9 4.84 30.86 16.45
C TYR H 9 6.14 31.27 17.12
N LYS H 10 6.55 30.52 18.13
CA LYS H 10 7.88 30.65 18.68
C LYS H 10 8.49 29.27 18.68
N ILE H 11 9.82 29.25 18.53
CA ILE H 11 10.58 28.02 18.64
C ILE H 11 11.43 28.14 19.91
N GLU H 12 11.27 27.18 20.81
CA GLU H 12 11.96 27.20 22.09
C GLU H 12 12.96 26.05 22.04
N GLU H 13 13.86 25.95 23.04
CA GLU H 13 14.85 24.86 23.08
C GLU H 13 14.76 23.98 24.32
N LEU H 14 14.33 22.74 24.14
CA LEU H 14 14.41 21.73 25.17
C LEU H 14 15.85 21.22 25.12
N THR H 15 16.37 20.69 26.23
CA THR H 15 17.68 19.97 26.22
C THR H 15 17.67 18.66 27.03
N ILE H 16 18.22 17.59 26.44
CA ILE H 16 18.09 16.23 26.97
C ILE H 16 19.40 15.46 26.80
N LYS H 40 22.97 18.15 23.93
CA LYS H 40 21.90 17.62 23.09
C LYS H 40 20.64 18.48 23.22
N LYS H 41 20.38 19.33 22.22
CA LYS H 41 19.20 20.21 22.21
C LYS H 41 18.20 19.91 21.10
N ILE H 42 16.91 19.92 21.42
CA ILE H 42 15.88 19.73 20.41
C ILE H 42 14.92 20.92 20.40
N PRO H 43 14.41 21.30 19.22
CA PRO H 43 13.47 22.39 19.16
C PRO H 43 12.08 22.02 19.63
N LEU H 44 11.37 23.02 20.11
CA LEU H 44 10.02 22.86 20.60
C LEU H 44 9.15 23.96 19.99
N LEU H 45 8.23 23.56 19.10
CA LEU H 45 7.41 24.52 18.36
C LEU H 45 6.24 24.93 19.22
N ASP H 46 6.07 26.23 19.39
CA ASP H 46 4.91 26.79 20.07
C ASP H 46 4.02 27.41 19.01
N ASP H 47 3.05 26.62 18.55
CA ASP H 47 2.25 26.97 17.38
C ASP H 47 1.14 27.94 17.75
N GLY H 48 0.78 27.97 19.03
CA GLY H 48 -0.25 28.85 19.53
C GLY H 48 -1.66 28.49 19.14
N ILE H 49 -1.87 27.27 18.66
CA ILE H 49 -3.21 26.82 18.29
C ILE H 49 -4.08 26.62 19.54
N PHE H 50 -3.54 25.99 20.58
CA PHE H 50 -4.30 25.83 21.81
C PHE H 50 -4.88 27.16 22.28
N GLU H 51 -4.02 28.17 22.36
CA GLU H 51 -4.41 29.48 22.87
C GLU H 51 -5.51 30.10 22.00
N LEU H 52 -5.37 30.00 20.69
CA LEU H 52 -6.44 30.48 19.79
C LEU H 52 -7.79 29.85 20.13
N LEU H 53 -7.80 28.53 20.23
CA LEU H 53 -9.04 27.79 20.50
C LEU H 53 -9.63 28.18 21.84
N ASN H 54 -8.80 28.18 22.87
CA ASN H 54 -9.19 28.57 24.23
C ASN H 54 -9.90 29.91 24.28
N TYR H 55 -9.34 30.92 23.63
CA TYR H 55 -9.98 32.22 23.56
C TYR H 55 -11.36 32.12 22.93
N LEU H 56 -11.49 31.38 21.85
CA LEU H 56 -12.77 31.27 21.15
C LEU H 56 -13.83 30.61 21.99
N ILE H 57 -13.42 29.61 22.76
CA ILE H 57 -14.30 28.89 23.66
C ILE H 57 -14.82 29.78 24.78
N ASP H 58 -13.92 30.57 25.36
CA ASP H 58 -14.26 31.54 26.40
C ASP H 58 -15.01 32.77 25.89
N GLY H 59 -15.25 32.87 24.60
CA GLY H 59 -15.89 34.04 24.04
C GLY H 59 -15.08 35.31 24.19
N THR H 60 -13.81 35.18 24.56
CA THR H 60 -12.94 36.31 24.81
C THR H 60 -12.88 37.22 23.58
N ASN H 61 -12.78 38.52 23.81
CA ASN H 61 -12.79 39.48 22.72
C ASN H 61 -11.39 39.88 22.33
N PHE H 62 -11.25 40.30 21.07
CA PHE H 62 -9.92 40.49 20.49
C PHE H 62 -9.03 41.33 21.40
N ASN H 63 -9.57 42.48 21.82
CA ASN H 63 -8.86 43.43 22.69
C ASN H 63 -8.33 42.85 24.02
N LYS H 64 -8.83 41.69 24.44
CA LYS H 64 -8.34 41.04 25.66
C LYS H 64 -7.44 39.82 25.37
N THR H 65 -6.96 39.68 24.12
CA THR H 65 -6.09 38.55 23.74
C THR H 65 -4.63 38.97 23.66
N CYS H 66 -3.72 38.00 23.73
CA CYS H 66 -2.29 38.25 23.45
C CYS H 66 -2.03 38.88 22.07
N TYR H 67 -3.07 39.03 21.25
CA TYR H 67 -2.89 39.42 19.85
C TYR H 67 -3.08 40.90 19.59
N CYS H 68 -3.54 41.65 20.59
CA CYS H 68 -3.98 43.04 20.37
C CYS H 68 -2.79 44.00 20.28
N GLY H 69 -2.97 45.04 19.46
CA GLY H 69 -1.99 46.12 19.40
C GLY H 69 -0.81 45.90 18.48
N PHE H 70 -1.01 45.13 17.41
CA PHE H 70 -0.07 45.06 16.31
C PHE H 70 -0.81 45.58 15.09
N ASN H 71 -0.08 45.92 14.04
CA ASN H 71 -0.73 46.35 12.81
C ASN H 71 -1.27 45.12 12.14
N TYR H 72 -2.49 45.20 11.66
CA TYR H 72 -3.14 44.06 11.04
C TYR H 72 -3.71 44.40 9.66
N SER H 73 -2.98 45.24 8.93
CA SER H 73 -3.34 45.55 7.54
C SER H 73 -3.09 44.36 6.62
N HIS H 74 -2.14 43.51 7.00
CA HIS H 74 -1.87 42.24 6.31
C HIS H 74 -2.98 41.19 6.53
N LEU H 75 -3.73 41.33 7.64
CA LEU H 75 -4.84 40.42 8.00
C LEU H 75 -6.20 41.14 8.02
N PRO H 76 -6.79 41.40 6.85
CA PRO H 76 -8.05 42.14 6.77
C PRO H 76 -9.13 41.58 7.68
N ASN H 77 -9.78 42.46 8.44
CA ASN H 77 -10.95 42.16 9.29
C ASN H 77 -10.68 41.24 10.48
N LEU H 78 -9.43 41.12 10.88
CA LEU H 78 -9.11 40.22 11.97
C LEU H 78 -9.98 40.46 13.22
N GLU H 79 -9.98 41.68 13.74
CA GLU H 79 -10.72 41.98 14.98
C GLU H 79 -12.24 41.73 14.85
N ARG H 80 -12.83 42.22 13.76
CA ARG H 80 -14.24 42.03 13.51
C ARG H 80 -14.62 40.55 13.48
N ASP H 81 -14.06 39.83 12.50
CA ASP H 81 -14.36 38.41 12.33
C ASP H 81 -13.96 37.59 13.56
N PHE H 82 -12.86 37.97 14.22
CA PHE H 82 -12.50 37.25 15.45
C PHE H 82 -13.59 37.33 16.51
N ASN H 83 -14.21 38.51 16.66
CA ASN H 83 -15.21 38.71 17.71
C ASN H 83 -16.52 38.02 17.35
N ILE H 84 -16.92 38.12 16.09
CA ILE H 84 -18.06 37.36 15.59
C ILE H 84 -17.88 35.87 15.87
N ALA H 85 -16.71 35.35 15.49
CA ALA H 85 -16.40 33.94 15.68
C ALA H 85 -16.35 33.61 17.15
N SER H 86 -15.79 34.51 17.95
CA SER H 86 -15.65 34.27 19.40
C SER H 86 -17.01 34.10 20.06
N LEU H 87 -17.97 34.88 19.60
CA LEU H 87 -19.30 34.84 20.16
C LEU H 87 -19.96 33.52 19.76
N TYR H 88 -19.90 33.24 18.46
CA TYR H 88 -20.52 32.04 17.90
C TYR H 88 -19.98 30.75 18.53
N VAL H 89 -18.69 30.70 18.80
CA VAL H 89 -18.12 29.51 19.42
C VAL H 89 -18.57 29.45 20.87
N ARG H 90 -18.57 30.60 21.54
CA ARG H 90 -18.98 30.69 22.94
C ARG H 90 -20.41 30.18 23.13
N GLU H 91 -21.33 30.71 22.31
CA GLU H 91 -22.73 30.31 22.39
C GLU H 91 -22.90 28.82 22.13
N ASN H 92 -22.20 28.27 21.14
CA ASN H 92 -22.24 26.84 20.84
C ASN H 92 -21.75 25.99 22.00
N PHE H 93 -20.64 26.43 22.58
CA PHE H 93 -20.13 25.78 23.78
C PHE H 93 -21.22 25.72 24.84
N GLU H 94 -21.83 26.87 25.13
CA GLU H 94 -22.86 26.96 26.16
C GLU H 94 -24.03 26.01 25.89
N ILE H 95 -24.51 26.01 24.65
CA ILE H 95 -25.56 25.07 24.23
C ILE H 95 -25.16 23.61 24.50
N CYS H 96 -23.93 23.24 24.18
CA CYS H 96 -23.46 21.86 24.44
C CYS H 96 -23.22 21.58 25.93
N THR H 97 -23.05 22.62 26.74
CA THR H 97 -22.77 22.44 28.17
C THR H 97 -23.92 22.83 29.10
N ASP H 98 -24.98 23.47 28.58
CA ASP H 98 -26.15 23.78 29.41
C ASP H 98 -26.81 22.49 29.90
N GLN H 99 -26.79 21.45 29.07
CA GLN H 99 -27.33 20.13 29.44
C GLN H 99 -26.38 19.26 30.28
N LEU H 100 -25.36 19.89 30.87
CA LEU H 100 -24.46 19.22 31.80
C LEU H 100 -24.29 20.05 33.05
N ASP H 101 -24.08 19.39 34.19
CA ASP H 101 -23.72 20.06 35.43
C ASP H 101 -22.20 20.02 35.54
N LEU H 102 -21.57 21.19 35.46
CA LEU H 102 -20.12 21.33 35.50
C LEU H 102 -19.66 22.24 36.63
N ALA H 103 -20.52 22.47 37.62
CA ALA H 103 -20.19 23.35 38.75
C ALA H 103 -19.09 22.74 39.62
N ASN H 104 -19.07 21.41 39.73
CA ASN H 104 -18.03 20.70 40.51
C ASN H 104 -16.71 20.50 39.77
N TYR H 105 -16.71 20.72 38.46
CA TYR H 105 -15.60 20.31 37.58
C TYR H 105 -14.69 21.46 37.11
N VAL H 106 -13.52 21.09 36.56
CA VAL H 106 -12.63 22.02 35.83
C VAL H 106 -12.18 21.49 34.46
N ARG H 107 -12.26 22.37 33.47
CA ARG H 107 -11.77 22.13 32.13
C ARG H 107 -10.25 21.96 32.19
N GLN H 108 -9.75 20.81 31.75
CA GLN H 108 -8.31 20.62 31.65
C GLN H 108 -7.72 21.50 30.56
N PRO H 109 -6.40 21.78 30.64
CA PRO H 109 -5.77 22.61 29.61
C PRO H 109 -5.35 21.78 28.38
N ASN H 110 -6.30 20.98 27.88
CA ASN H 110 -6.09 20.09 26.76
C ASN H 110 -7.29 20.27 25.85
N ILE H 111 -7.03 20.61 24.60
CA ILE H 111 -8.07 20.67 23.60
C ILE H 111 -7.61 19.75 22.49
N SER H 112 -8.54 18.97 21.96
CA SER H 112 -8.29 18.13 20.81
C SER H 112 -9.12 18.64 19.64
N ILE H 113 -8.71 18.31 18.42
CA ILE H 113 -9.52 18.58 17.24
C ILE H 113 -9.63 17.30 16.45
N LYS H 114 -10.86 16.91 16.14
CA LYS H 114 -11.15 15.81 15.25
C LYS H 114 -11.56 16.43 13.95
N SER H 115 -11.25 15.75 12.86
CA SER H 115 -11.46 16.29 11.52
C SER H 115 -12.42 15.37 10.81
N PRO H 116 -13.10 15.84 9.75
CA PRO H 116 -13.05 17.15 9.11
C PRO H 116 -14.16 18.14 9.49
N ASP H 117 -14.87 17.89 10.58
CA ASP H 117 -15.93 18.82 11.01
C ASP H 117 -15.40 19.91 11.97
N PHE H 118 -14.09 19.94 12.16
CA PHE H 118 -13.41 20.80 13.11
C PHE H 118 -14.08 20.65 14.46
N THR H 119 -14.04 19.43 14.94
CA THR H 119 -14.70 19.06 16.17
C THR H 119 -13.74 19.27 17.34
N VAL H 120 -13.98 20.35 18.08
CA VAL H 120 -13.19 20.68 19.25
C VAL H 120 -13.70 19.86 20.42
N CYS H 121 -12.79 19.16 21.10
CA CYS H 121 -13.13 18.25 22.20
C CYS H 121 -12.45 18.70 23.50
N LEU H 122 -13.25 18.94 24.54
CA LEU H 122 -12.72 19.35 25.86
C LEU H 122 -12.86 18.20 26.84
N GLU H 123 -11.97 18.14 27.84
CA GLU H 123 -12.18 17.21 28.94
C GLU H 123 -12.23 17.91 30.32
N TYR H 124 -13.28 17.60 31.07
CA TYR H 124 -13.50 18.14 32.40
C TYR H 124 -13.21 17.10 33.47
N VAL H 125 -12.63 17.54 34.59
CA VAL H 125 -12.43 16.68 35.78
C VAL H 125 -12.86 17.42 37.05
N LEU H 126 -13.19 16.67 38.10
CA LEU H 126 -13.65 17.25 39.36
C LEU H 126 -12.57 18.05 40.11
N LYS H 127 -12.96 19.19 40.68
CA LYS H 127 -12.05 20.04 41.48
C LYS H 127 -11.43 19.23 42.62
N THR H 128 -12.18 18.24 43.11
CA THR H 128 -11.68 17.24 44.07
C THR H 128 -10.44 16.49 43.58
N VAL H 129 -10.53 15.89 42.39
CA VAL H 129 -9.44 15.06 41.86
C VAL H 129 -8.18 15.84 41.42
N VAL H 130 -8.35 17.07 40.91
CA VAL H 130 -7.22 17.85 40.33
C VAL H 130 -6.15 18.28 41.34
N GLN H 157 -18.85 10.38 36.42
CA GLN H 157 -18.75 11.32 37.54
C GLN H 157 -17.34 11.93 37.69
N GLU H 158 -16.28 11.13 37.49
CA GLU H 158 -14.90 11.60 37.66
C GLU H 158 -14.50 12.61 36.57
N THR H 159 -14.56 12.16 35.31
CA THR H 159 -14.28 13.01 34.14
C THR H 159 -15.47 13.06 33.14
N LYS H 160 -15.64 14.20 32.49
CA LYS H 160 -16.70 14.38 31.48
C LYS H 160 -16.12 15.00 30.19
N PHE H 161 -16.69 14.62 29.05
CA PHE H 161 -16.23 15.05 27.73
C PHE H 161 -17.31 15.83 26.99
N VAL H 162 -16.90 16.81 26.20
CA VAL H 162 -17.84 17.56 25.37
C VAL H 162 -17.19 17.85 24.00
N GLU H 163 -17.97 17.72 22.93
CA GLU H 163 -17.51 17.93 21.57
C GLU H 163 -18.46 18.88 20.85
N MET H 164 -17.91 19.88 20.19
CA MET H 164 -18.70 20.78 19.35
C MET H 164 -18.01 20.80 18.00
N SER H 165 -18.76 20.47 16.95
CA SER H 165 -18.26 20.60 15.62
C SER H 165 -18.50 22.03 15.19
N LEU H 166 -17.44 22.82 15.09
CA LEU H 166 -17.58 24.23 14.75
C LEU H 166 -17.89 24.43 13.27
N LEU H 167 -17.35 23.55 12.43
CA LEU H 167 -17.52 23.64 10.99
C LEU H 167 -17.92 22.28 10.41
N PRO H 168 -19.16 21.84 10.70
CA PRO H 168 -19.61 20.53 10.23
C PRO H 168 -19.69 20.46 8.70
N LEU H 169 -19.14 19.38 8.15
CA LEU H 169 -18.93 19.23 6.71
C LEU H 169 -19.59 17.99 6.10
N LEU H 170 -19.59 16.89 6.84
CA LEU H 170 -20.18 15.63 6.38
C LEU H 170 -21.72 15.61 6.31
N ASN H 171 -22.40 16.18 7.31
CA ASN H 171 -23.89 16.21 7.34
C ASN H 171 -24.45 17.59 7.70
N ARG H 172 -24.90 18.32 6.69
CA ARG H 172 -25.42 19.67 6.85
C ARG H 172 -26.85 19.76 6.34
N GLU H 173 -27.54 20.84 6.71
CA GLU H 173 -28.94 21.06 6.33
C GLU H 173 -29.02 21.87 5.04
N GLU H 175 -28.18 24.14 3.37
CA GLU H 175 -28.15 25.60 3.36
C GLU H 175 -29.49 26.20 3.81
N GLU H 176 -30.58 25.72 3.23
CA GLU H 176 -31.93 26.30 3.42
C GLU H 176 -32.47 26.34 4.86
N SER H 177 -32.12 25.34 5.68
CA SER H 177 -32.65 25.23 7.06
C SER H 177 -31.66 25.69 8.13
N LEU H 178 -30.95 26.78 7.85
CA LEU H 178 -29.87 27.28 8.70
C LEU H 178 -29.94 28.80 8.86
N THR H 179 -29.91 29.25 10.11
CA THR H 179 -30.07 30.68 10.39
C THR H 179 -28.93 31.49 9.76
N GLU H 180 -29.10 32.80 9.73
CA GLU H 180 -28.03 33.69 9.30
C GLU H 180 -26.95 33.74 10.38
N GLU H 181 -27.37 33.70 11.64
CA GLU H 181 -26.46 33.67 12.79
C GLU H 181 -25.39 32.57 12.64
N ILE H 182 -25.83 31.39 12.21
CA ILE H 182 -24.95 30.22 12.02
C ILE H 182 -24.05 30.33 10.80
N LEU H 183 -24.61 30.68 9.65
CA LEU H 183 -23.81 30.92 8.46
C LEU H 183 -22.80 32.05 8.62
N GLU H 184 -23.16 33.07 9.39
CA GLU H 184 -22.26 34.20 9.61
C GLU H 184 -21.19 33.82 10.61
N GLY H 185 -21.55 33.02 11.62
CA GLY H 185 -20.60 32.54 12.62
C GLY H 185 -19.56 31.61 12.01
N GLU H 186 -20.03 30.68 11.20
CA GLU H 186 -19.16 29.75 10.52
C GLU H 186 -18.21 30.48 9.58
N GLY H 187 -18.75 31.37 8.75
CA GLY H 187 -17.94 32.15 7.81
C GLY H 187 -16.86 32.97 8.51
N ALA H 188 -17.17 33.40 9.73
CA ALA H 188 -16.22 34.14 10.56
C ALA H 188 -15.15 33.21 11.11
N VAL H 189 -15.55 32.07 11.65
CA VAL H 189 -14.58 31.07 12.12
C VAL H 189 -13.58 30.71 11.02
N VAL H 190 -14.09 30.41 9.83
CA VAL H 190 -13.26 29.99 8.72
C VAL H 190 -12.29 31.10 8.33
N ASN H 191 -12.76 32.35 8.36
CA ASN H 191 -11.90 33.46 7.95
C ASN H 191 -10.80 33.68 8.99
N VAL H 192 -11.14 33.54 10.26
CA VAL H 192 -10.16 33.58 11.33
C VAL H 192 -9.06 32.53 11.15
N LEU H 193 -9.46 31.34 10.76
CA LEU H 193 -8.52 30.25 10.53
C LEU H 193 -7.62 30.61 9.36
N LYS H 194 -8.20 31.18 8.31
CA LYS H 194 -7.40 31.56 7.15
C LYS H 194 -6.39 32.63 7.50
N LEU H 195 -6.80 33.54 8.37
CA LEU H 195 -5.95 34.63 8.80
C LEU H 195 -4.83 34.10 9.70
N PHE H 196 -5.16 33.13 10.53
CA PHE H 196 -4.16 32.49 11.38
C PHE H 196 -3.07 31.86 10.53
N ILE H 197 -3.47 31.17 9.48
CA ILE H 197 -2.54 30.52 8.59
C ILE H 197 -1.71 31.55 7.84
N LYS H 198 -2.33 32.64 7.39
CA LYS H 198 -1.57 33.74 6.77
C LYS H 198 -0.53 34.35 7.70
N GLY H 199 -0.92 34.50 8.96
CA GLY H 199 -0.03 34.99 9.98
C GLY H 199 1.13 34.04 10.15
N PHE H 200 0.81 32.76 10.28
CA PHE H 200 1.84 31.72 10.35
C PHE H 200 2.80 31.80 9.18
N LEU H 201 2.27 31.88 7.96
CA LEU H 201 3.14 31.87 6.78
C LEU H 201 4.04 33.08 6.68
N MET H 202 3.52 34.24 7.07
CA MET H 202 4.27 35.50 7.03
C MET H 202 5.38 35.53 8.06
N HIS H 203 5.08 35.08 9.27
CA HIS H 203 6.14 34.88 10.23
C HIS H 203 7.22 33.91 9.75
N LEU H 204 6.81 32.79 9.15
CA LEU H 204 7.76 31.80 8.63
C LEU H 204 8.68 32.41 7.58
N GLY H 205 8.07 33.17 6.67
CA GLY H 205 8.83 33.80 5.61
C GLY H 205 9.90 34.76 6.12
N GLU H 206 9.61 35.49 7.19
CA GLU H 206 10.49 36.56 7.67
C GLU H 206 11.49 36.07 8.69
N ASN H 207 11.32 34.86 9.22
CA ASN H 207 12.12 34.46 10.37
C ASN H 207 12.83 33.13 10.31
N PRO H 208 13.77 32.97 9.38
CA PRO H 208 14.56 31.78 9.36
C PRO H 208 15.13 31.41 10.69
N ASN H 209 15.30 30.12 10.89
CA ASN H 209 15.79 29.56 12.12
C ASN H 209 16.42 28.23 11.73
N SER H 210 17.49 27.84 12.42
CA SER H 210 18.26 26.69 12.00
C SER H 210 17.56 25.39 12.41
N TYR H 211 16.53 25.50 13.25
CA TYR H 211 15.69 24.35 13.54
C TYR H 211 14.57 24.13 12.52
N ASP H 212 14.44 25.03 11.56
CA ASP H 212 13.39 24.90 10.55
C ASP H 212 13.36 23.52 9.86
N ARG H 213 14.53 23.01 9.53
CA ARG H 213 14.65 21.74 8.79
C ARG H 213 14.00 20.57 9.52
N GLN H 214 13.85 20.70 10.83
CA GLN H 214 13.24 19.66 11.65
C GLN H 214 11.79 19.94 11.99
N LEU H 215 11.19 20.98 11.46
CA LEU H 215 9.82 21.29 11.88
C LEU H 215 8.90 21.21 10.69
N THR H 216 7.65 20.82 10.91
CA THR H 216 6.72 20.67 9.80
C THR H 216 5.39 21.27 10.15
N VAL H 217 4.52 21.40 9.15
CA VAL H 217 3.20 21.98 9.33
C VAL H 217 2.19 21.02 9.87
N GLU H 218 2.66 19.88 10.34
CA GLU H 218 1.84 18.78 10.87
C GLU H 218 0.62 19.23 11.73
N LYS H 219 0.83 20.09 12.70
CA LYS H 219 -0.20 20.43 13.70
C LYS H 219 -1.28 21.37 13.19
N TYR H 220 -1.02 22.02 12.06
CA TYR H 220 -1.97 22.93 11.45
C TYR H 220 -2.99 22.20 10.57
N ARG H 221 -2.88 20.89 10.47
CA ARG H 221 -3.68 20.15 9.50
C ARG H 221 -5.18 20.33 9.65
N PRO H 222 -5.70 20.17 10.87
CA PRO H 222 -7.15 20.29 11.03
C PRO H 222 -7.65 21.65 10.59
N LEU H 223 -6.91 22.72 10.88
CA LEU H 223 -7.31 24.03 10.38
C LEU H 223 -7.35 24.02 8.85
N LEU H 224 -6.28 23.51 8.25
CA LEU H 224 -6.16 23.53 6.79
C LEU H 224 -7.22 22.70 6.07
N VAL H 225 -7.49 21.52 6.60
CA VAL H 225 -8.54 20.66 6.07
C VAL H 225 -9.90 21.37 6.12
N SER H 226 -10.23 21.96 7.25
CA SER H 226 -11.53 22.66 7.41
C SER H 226 -11.61 23.89 6.53
N ILE H 227 -10.52 24.62 6.38
CA ILE H 227 -10.51 25.73 5.44
C ILE H 227 -10.87 25.23 4.03
N VAL H 228 -10.20 24.19 3.56
CA VAL H 228 -10.40 23.71 2.21
C VAL H 228 -11.78 23.10 2.09
N GLY H 229 -12.15 22.25 3.05
CA GLY H 229 -13.45 21.57 3.03
C GLY H 229 -14.63 22.53 3.02
N TYR H 230 -14.62 23.50 3.93
CA TYR H 230 -15.74 24.44 4.02
C TYR H 230 -15.85 25.29 2.77
N GLU H 231 -14.74 25.84 2.29
CA GLU H 231 -14.79 26.68 1.08
C GLU H 231 -15.27 25.89 -0.12
N TYR H 232 -14.98 24.59 -0.15
CA TYR H 232 -15.40 23.79 -1.29
C TYR H 232 -16.88 23.49 -1.15
N LEU H 233 -17.25 22.77 -0.10
CA LEU H 233 -18.62 22.27 0.07
C LEU H 233 -19.64 23.35 0.41
N VAL H 234 -19.20 24.58 0.61
CA VAL H 234 -20.12 25.71 0.82
C VAL H 234 -19.47 27.05 0.43
N GLY H 235 -20.27 28.02 0.01
CA GLY H 235 -19.76 29.34 -0.35
C GLY H 235 -19.23 30.10 0.86
N LYS H 242 -14.63 26.18 -5.56
CA LYS H 242 -13.20 26.36 -5.87
C LYS H 242 -12.28 25.93 -4.70
N ILE H 243 -11.01 25.68 -5.04
CA ILE H 243 -10.01 25.17 -4.09
C ILE H 243 -8.71 25.97 -4.15
N ASN H 244 -8.30 26.48 -3.00
CA ASN H 244 -7.05 27.22 -2.91
C ASN H 244 -5.88 26.25 -2.83
N HIS H 245 -4.99 26.34 -3.80
CA HIS H 245 -3.93 25.35 -3.93
C HIS H 245 -2.92 25.42 -2.78
N ILE H 246 -2.77 26.61 -2.19
CA ILE H 246 -1.84 26.74 -1.09
C ILE H 246 -2.36 25.92 0.07
N TYR H 247 -3.57 26.23 0.51
CA TYR H 247 -4.22 25.51 1.61
C TYR H 247 -4.23 24.01 1.34
N TYR H 248 -4.57 23.63 0.12
CA TYR H 248 -4.69 22.21 -0.27
C TYR H 248 -3.33 21.49 -0.24
N GLN H 249 -2.27 22.20 -0.63
CA GLN H 249 -0.94 21.62 -0.56
C GLN H 249 -0.54 21.33 0.85
N LEU H 250 -0.76 22.30 1.73
CA LEU H 250 -0.35 22.16 3.14
C LEU H 250 -1.17 21.14 3.92
N ALA H 251 -2.44 20.99 3.57
CA ALA H 251 -3.31 19.98 4.17
C ALA H 251 -2.92 18.61 3.70
N THR H 252 -2.60 18.51 2.42
CA THR H 252 -2.18 17.24 1.85
C THR H 252 -0.85 16.80 2.43
N PHE H 253 0.15 17.66 2.35
CA PHE H 253 1.53 17.33 2.79
C PHE H 253 1.81 17.88 4.16
N ASP H 254 1.20 17.24 5.15
CA ASP H 254 1.36 17.69 6.53
C ASP H 254 2.79 17.49 7.01
N ASN H 255 3.64 16.89 6.17
CA ASN H 255 5.05 16.70 6.47
C ASN H 255 5.95 17.76 5.82
N TYR H 256 5.36 18.87 5.38
CA TYR H 256 6.15 19.93 4.70
C TYR H 256 7.10 20.54 5.71
N PRO H 257 8.41 20.38 5.53
CA PRO H 257 9.35 21.07 6.41
C PRO H 257 9.36 22.58 6.25
N PHE H 258 9.58 23.31 7.35
CA PHE H 258 9.57 24.80 7.33
C PHE H 258 10.53 25.48 6.37
N ASP H 259 11.77 25.01 6.32
CA ASP H 259 12.75 25.65 5.41
C ASP H 259 12.37 25.37 3.97
N LEU H 260 12.05 24.12 3.65
CA LEU H 260 11.59 23.82 2.31
C LEU H 260 10.35 24.61 1.96
N LEU H 261 9.39 24.71 2.88
CA LEU H 261 8.16 25.47 2.58
C LEU H 261 8.51 26.91 2.20
N ARG H 262 9.35 27.55 3.01
CA ARG H 262 9.70 28.95 2.76
C ARG H 262 10.28 29.12 1.38
N PHE H 263 11.15 28.22 0.98
CA PHE H 263 11.79 28.35 -0.29
C PHE H 263 10.89 28.03 -1.46
N GLN H 264 9.88 27.24 -1.23
CA GLN H 264 9.07 26.76 -2.32
C GLN H 264 7.69 27.35 -2.43
N LEU H 265 7.19 27.93 -1.36
CA LEU H 265 5.75 28.28 -1.24
C LEU H 265 5.23 29.12 -2.39
N SER H 266 6.03 30.12 -2.77
CA SER H 266 5.66 31.05 -3.83
C SER H 266 5.61 30.48 -5.26
N SER H 267 6.10 29.26 -5.45
CA SER H 267 6.09 28.61 -6.75
C SER H 267 5.29 27.31 -6.68
N LEU H 268 4.19 27.34 -5.93
CA LEU H 268 3.42 26.12 -5.71
C LEU H 268 2.48 25.88 -6.90
N ILE H 269 2.33 24.60 -7.24
CA ILE H 269 1.62 24.22 -8.43
C ILE H 269 0.13 24.09 -8.13
N SER H 270 -0.68 24.28 -9.16
CA SER H 270 -2.14 24.22 -9.03
C SER H 270 -2.62 22.77 -9.03
N THR H 271 -3.86 22.58 -8.59
CA THR H 271 -4.46 21.26 -8.53
C THR H 271 -4.53 20.64 -9.93
N PRO H 272 -3.97 19.44 -10.10
CA PRO H 272 -4.11 18.78 -11.42
C PRO H 272 -5.57 18.54 -11.80
N THR H 273 -5.88 18.70 -13.08
CA THR H 273 -7.26 18.63 -13.54
C THR H 273 -7.87 17.26 -13.28
N SER H 274 -7.06 16.20 -13.32
CA SER H 274 -7.56 14.86 -13.01
C SER H 274 -8.02 14.74 -11.55
N ILE H 275 -7.40 15.53 -10.68
CA ILE H 275 -7.77 15.52 -9.26
C ILE H 275 -9.02 16.38 -9.08
N LEU H 276 -9.01 17.57 -9.66
CA LEU H 276 -10.16 18.46 -9.63
C LEU H 276 -11.42 17.76 -10.00
N GLU H 277 -11.35 16.91 -11.01
CA GLU H 277 -12.52 16.22 -11.51
C GLU H 277 -12.83 15.00 -10.65
N ARG H 278 -11.82 14.31 -10.14
CA ARG H 278 -12.09 13.25 -9.19
C ARG H 278 -12.76 13.81 -7.92
N ILE H 279 -12.48 15.07 -7.59
CA ILE H 279 -13.10 15.73 -6.42
C ILE H 279 -14.60 15.96 -6.69
N THR H 280 -14.90 16.60 -7.82
CA THR H 280 -16.29 16.88 -8.22
C THR H 280 -17.13 15.59 -8.34
N LYS H 281 -16.49 14.50 -8.73
CA LYS H 281 -17.17 13.23 -8.85
C LYS H 281 -17.34 12.52 -7.49
N GLU H 282 -16.47 12.79 -6.51
CA GLU H 282 -16.46 11.98 -5.28
C GLU H 282 -16.24 12.69 -3.93
N GLY H 283 -16.06 14.00 -3.92
CA GLY H 283 -16.19 14.76 -2.66
C GLY H 283 -15.04 15.57 -2.07
N LEU H 284 -13.92 14.90 -1.80
CA LEU H 284 -12.80 15.40 -0.95
C LEU H 284 -12.56 14.44 0.18
N PHE H 285 -13.66 13.97 0.78
CA PHE H 285 -13.56 13.01 1.85
C PHE H 285 -14.12 11.68 1.40
N LYS H 286 -13.55 10.62 1.95
CA LYS H 286 -13.96 9.26 1.69
C LYS H 286 -14.25 8.65 3.03
N ILE H 287 -15.53 8.37 3.30
CA ILE H 287 -15.94 7.86 4.61
C ILE H 287 -15.73 6.36 4.61
N ILE H 288 -15.18 5.84 5.71
CA ILE H 288 -15.04 4.40 5.89
C ILE H 288 -15.88 4.00 7.11
N THR H 289 -16.87 3.16 6.85
CA THR H 289 -18.05 3.06 7.70
C THR H 289 -18.13 1.68 8.36
N THR H 300 -14.06 6.92 10.94
CA THR H 300 -12.79 7.02 10.22
C THR H 300 -12.98 7.65 8.83
N VAL H 301 -12.35 8.81 8.60
CA VAL H 301 -12.43 9.51 7.31
C VAL H 301 -11.05 9.68 6.65
N LEU H 302 -11.02 9.47 5.34
CA LEU H 302 -9.85 9.75 4.51
C LEU H 302 -10.00 11.04 3.70
N PHE H 303 -8.87 11.72 3.48
CA PHE H 303 -8.82 12.98 2.75
C PHE H 303 -8.29 12.71 1.36
N ARG H 304 -8.84 13.38 0.37
CA ARG H 304 -8.38 13.21 -1.01
C ARG H 304 -7.38 14.30 -1.34
N GLY H 305 -6.11 13.93 -1.31
CA GLY H 305 -5.03 14.89 -1.46
C GLY H 305 -4.87 15.47 -2.85
N ILE H 306 -4.26 16.64 -2.92
CA ILE H 306 -3.90 17.25 -4.20
C ILE H 306 -3.03 16.38 -5.12
N ASN H 307 -2.37 15.36 -4.58
CA ASN H 307 -1.53 14.47 -5.40
C ASN H 307 -2.20 13.13 -5.58
N GLY H 308 -3.44 13.00 -5.13
CA GLY H 308 -4.17 11.75 -5.21
C GLY H 308 -3.95 10.81 -4.05
N SER H 309 -3.20 11.25 -3.06
CA SER H 309 -2.99 10.45 -1.86
C SER H 309 -4.33 10.35 -1.13
N GLU H 310 -4.44 9.42 -0.17
CA GLU H 310 -5.66 9.27 0.60
C GLU H 310 -5.34 9.06 2.07
N SER H 311 -4.81 10.11 2.66
CA SER H 311 -4.37 10.07 4.02
C SER H 311 -5.49 9.98 5.04
N PHE H 312 -5.23 9.30 6.16
CA PHE H 312 -6.14 9.24 7.28
C PHE H 312 -5.99 10.51 8.09
N LEU H 313 -7.12 11.15 8.40
CA LEU H 313 -7.10 12.35 9.25
C LEU H 313 -7.32 11.95 10.70
N ASN H 314 -6.20 11.83 11.39
CA ASN H 314 -6.19 11.50 12.81
C ASN H 314 -6.42 12.72 13.72
N ILE H 315 -6.79 12.44 14.97
CA ILE H 315 -7.07 13.47 15.96
C ILE H 315 -5.77 14.17 16.30
N LYS H 316 -5.81 15.49 16.48
CA LYS H 316 -4.63 16.22 16.99
C LYS H 316 -4.93 16.76 18.39
N ARG H 317 -3.92 16.76 19.25
CA ARG H 317 -4.05 17.19 20.64
C ARG H 317 -3.19 18.41 20.89
N TYR H 318 -3.79 19.46 21.43
CA TYR H 318 -3.08 20.70 21.72
C TYR H 318 -3.14 20.98 23.23
N ARG H 319 -2.06 21.53 23.78
CA ARG H 319 -1.97 21.85 25.21
C ARG H 319 -1.49 23.29 25.36
N ARG H 320 -1.63 23.88 26.54
CA ARG H 320 -1.07 25.22 26.81
C ARG H 320 0.46 25.12 26.86
N PHE H 321 1.15 26.11 26.31
CA PHE H 321 2.60 26.08 26.29
C PHE H 321 3.15 26.63 27.59
#